data_6CJZ
#
_entry.id   6CJZ
#
_entity_poly.entity_id   1
_entity_poly.type   'polypeptide(L)'
_entity_poly.pdbx_seq_one_letter_code
;GPHMSLTEDNNNTTITIAKGENKEIILHGNPTTGYSWVVDSSEGLSNTVEYVADQHAPGISGSGGKYHIKITGTQTGEGK
IVLVYRRPWAPNANDRTFTLKVNVQ
;
_entity_poly.pdbx_strand_id   A
#
# COMPACT_ATOMS: atom_id res chain seq x y z
N GLY A 1 5.42 13.72 12.23
CA GLY A 1 5.65 12.80 13.34
C GLY A 1 5.78 11.36 12.85
N PRO A 2 5.96 10.43 13.79
CA PRO A 2 6.07 9.02 13.46
C PRO A 2 4.85 8.52 12.71
N HIS A 3 5.08 7.64 11.75
CA HIS A 3 3.98 7.05 10.98
C HIS A 3 3.33 5.89 11.73
N MET A 4 2.25 5.36 11.18
CA MET A 4 1.56 4.23 11.77
C MET A 4 1.47 3.06 10.80
N SER A 5 1.83 1.87 11.27
CA SER A 5 1.80 0.67 10.43
C SER A 5 0.36 0.26 10.12
N LEU A 6 0.07 0.09 8.84
CA LEU A 6 -1.24 -0.37 8.40
C LEU A 6 -1.17 -1.78 7.81
N THR A 7 -2.28 -2.50 7.88
CA THR A 7 -2.32 -3.89 7.44
C THR A 7 -3.70 -4.26 6.95
N GLU A 8 -3.93 -5.56 6.76
CA GLU A 8 -5.13 -6.04 6.10
C GLU A 8 -6.38 -5.67 6.88
N ASP A 9 -6.24 -5.57 8.20
CA ASP A 9 -7.36 -5.21 9.06
C ASP A 9 -7.82 -3.78 8.79
N ASN A 10 -7.00 -3.02 8.07
CA ASN A 10 -7.34 -1.65 7.73
C ASN A 10 -7.94 -1.55 6.34
N ASN A 11 -8.18 -2.71 5.72
CA ASN A 11 -8.71 -2.76 4.37
C ASN A 11 -10.17 -2.30 4.33
N ASN A 12 -10.42 -1.25 3.57
CA ASN A 12 -11.77 -0.69 3.47
C ASN A 12 -12.19 -0.03 4.78
N THR A 13 -11.23 0.56 5.47
CA THR A 13 -11.52 1.35 6.67
C THR A 13 -11.17 2.81 6.47
N THR A 14 -11.64 3.66 7.37
CA THR A 14 -11.36 5.09 7.31
C THR A 14 -10.49 5.54 8.47
N ILE A 15 -9.39 6.20 8.16
CA ILE A 15 -8.47 6.70 9.19
C ILE A 15 -8.30 8.21 9.09
N THR A 16 -8.57 8.90 10.19
CA THR A 16 -8.45 10.36 10.22
C THR A 16 -7.05 10.77 10.63
N ILE A 17 -6.41 11.59 9.80
CA ILE A 17 -5.05 12.06 10.06
C ILE A 17 -4.95 13.58 9.93
N ALA A 18 -3.85 14.13 10.42
CA ALA A 18 -3.55 15.55 10.20
C ALA A 18 -2.85 15.76 8.88
N LYS A 19 -3.07 16.93 8.27
CA LYS A 19 -2.40 17.30 7.04
C LYS A 19 -0.88 17.25 7.19
N GLY A 20 -0.23 16.45 6.36
CA GLY A 20 1.22 16.30 6.42
C GLY A 20 1.61 15.01 7.12
N GLU A 21 0.64 14.39 7.80
CA GLU A 21 0.89 13.16 8.53
C GLU A 21 1.10 11.98 7.58
N ASN A 22 2.08 11.15 7.88
CA ASN A 22 2.45 10.04 7.01
C ASN A 22 2.00 8.70 7.59
N LYS A 23 1.54 7.81 6.72
CA LYS A 23 1.23 6.44 7.11
C LYS A 23 1.97 5.44 6.23
N GLU A 24 2.12 4.21 6.74
CA GLU A 24 2.81 3.17 6.00
C GLU A 24 2.02 1.87 6.00
N ILE A 25 1.65 1.41 4.81
CA ILE A 25 1.01 0.12 4.65
C ILE A 25 2.05 -0.99 4.44
N ILE A 26 2.05 -1.97 5.34
CA ILE A 26 3.01 -3.06 5.26
C ILE A 26 2.31 -4.38 4.92
N LEU A 27 2.44 -4.78 3.66
CA LEU A 27 1.84 -6.04 3.20
C LEU A 27 2.88 -6.90 2.49
N HIS A 28 2.83 -8.21 2.77
CA HIS A 28 3.77 -9.15 2.17
C HIS A 28 3.33 -9.53 0.76
N GLY A 29 4.31 -9.71 -0.13
CA GLY A 29 4.02 -10.09 -1.50
C GLY A 29 4.06 -11.62 -1.67
N ASN A 30 4.23 -12.06 -2.90
CA ASN A 30 4.31 -13.49 -3.19
C ASN A 30 5.08 -13.74 -4.49
N PRO A 31 6.24 -14.38 -4.36
CA PRO A 31 7.12 -14.61 -5.51
C PRO A 31 6.53 -15.65 -6.45
N THR A 32 5.53 -16.37 -5.98
CA THR A 32 4.78 -17.30 -6.82
C THR A 32 4.15 -16.58 -8.00
N THR A 33 3.70 -15.35 -7.78
CA THR A 33 3.03 -14.57 -8.82
C THR A 33 3.98 -13.55 -9.42
N GLY A 34 4.85 -12.99 -8.60
CA GLY A 34 5.76 -11.94 -9.04
C GLY A 34 5.06 -10.58 -9.04
N TYR A 35 3.91 -10.51 -8.36
CA TYR A 35 3.14 -9.27 -8.29
C TYR A 35 3.66 -8.36 -7.19
N SER A 36 3.17 -7.13 -7.17
CA SER A 36 3.60 -6.15 -6.18
C SER A 36 2.45 -5.25 -5.76
N TRP A 37 2.54 -4.70 -4.55
CA TRP A 37 1.53 -3.77 -4.05
C TRP A 37 1.78 -2.35 -4.55
N VAL A 38 0.96 -1.92 -5.51
CA VAL A 38 1.12 -0.60 -6.10
C VAL A 38 -0.21 0.16 -6.12
N VAL A 39 -0.17 1.41 -5.67
CA VAL A 39 -1.35 2.26 -5.68
C VAL A 39 -1.67 2.75 -7.09
N ASP A 40 -2.90 2.50 -7.54
CA ASP A 40 -3.30 2.82 -8.90
C ASP A 40 -4.16 4.09 -8.94
N SER A 41 -4.70 4.46 -7.79
CA SER A 41 -5.55 5.64 -7.69
C SER A 41 -5.50 6.24 -6.29
N SER A 42 -5.50 7.56 -6.21
CA SER A 42 -5.62 8.26 -4.94
C SER A 42 -6.23 9.65 -5.13
N GLU A 43 -6.95 10.12 -4.11
CA GLU A 43 -7.67 11.37 -4.21
C GLU A 43 -6.75 12.57 -3.97
N GLY A 44 -5.74 12.70 -4.82
CA GLY A 44 -4.78 13.79 -4.72
C GLY A 44 -3.75 13.52 -3.62
N LEU A 45 -3.79 12.31 -3.07
CA LEU A 45 -2.89 11.95 -1.99
C LEU A 45 -1.62 11.29 -2.52
N SER A 46 -0.50 11.54 -1.86
CA SER A 46 0.79 11.06 -2.32
C SER A 46 1.03 9.62 -1.91
N ASN A 47 1.66 8.85 -2.80
CA ASN A 47 1.91 7.44 -2.55
C ASN A 47 3.26 7.01 -3.10
N THR A 48 4.01 6.26 -2.29
CA THR A 48 5.30 5.73 -2.71
C THR A 48 5.41 4.24 -2.41
N VAL A 49 5.88 3.47 -3.39
CA VAL A 49 6.03 2.03 -3.22
C VAL A 49 7.49 1.66 -2.99
N GLU A 50 7.77 1.09 -1.82
CA GLU A 50 9.12 0.68 -1.46
C GLU A 50 9.16 -0.77 -1.04
N TYR A 51 9.81 -1.60 -1.84
CA TYR A 51 10.01 -3.00 -1.49
C TYR A 51 11.00 -3.14 -0.33
N VAL A 52 10.59 -3.88 0.70
CA VAL A 52 11.46 -4.17 1.82
C VAL A 52 11.50 -5.66 2.14
N ALA A 53 12.61 -6.31 1.80
CA ALA A 53 12.76 -7.74 2.03
C ALA A 53 12.87 -8.04 3.52
N ASP A 54 11.72 -8.19 4.17
CA ASP A 54 11.69 -8.44 5.61
C ASP A 54 12.20 -9.83 5.95
N GLN A 55 13.47 -9.90 6.35
CA GLN A 55 14.11 -11.19 6.61
C GLN A 55 14.14 -12.06 5.36
N HIS A 56 14.27 -11.42 4.21
CA HIS A 56 14.45 -12.14 2.95
C HIS A 56 15.67 -11.62 2.18
N ALA A 57 16.09 -12.39 1.18
CA ALA A 57 17.20 -11.97 0.33
C ALA A 57 16.71 -11.29 -0.94
N PRO A 58 16.91 -9.98 -1.01
CA PRO A 58 16.45 -9.19 -2.15
C PRO A 58 17.30 -9.46 -3.38
N GLY A 59 16.64 -9.69 -4.51
CA GLY A 59 17.32 -9.99 -5.76
C GLY A 59 17.47 -11.49 -5.96
N ILE A 60 17.14 -12.26 -4.93
CA ILE A 60 17.25 -13.71 -5.00
C ILE A 60 15.90 -14.37 -5.25
N SER A 61 15.76 -15.01 -6.40
CA SER A 61 14.52 -15.67 -6.77
C SER A 61 14.18 -16.79 -5.79
N GLY A 62 12.92 -16.85 -5.38
CA GLY A 62 12.47 -17.84 -4.41
C GLY A 62 12.20 -17.22 -3.06
N SER A 63 12.81 -16.07 -2.80
CA SER A 63 12.61 -15.34 -1.56
C SER A 63 11.32 -14.52 -1.61
N GLY A 64 10.85 -14.08 -0.45
CA GLY A 64 9.63 -13.31 -0.36
C GLY A 64 9.92 -11.82 -0.23
N GLY A 65 9.32 -11.19 0.78
CA GLY A 65 9.56 -9.77 1.04
C GLY A 65 8.24 -8.99 1.07
N LYS A 66 8.29 -7.79 1.61
CA LYS A 66 7.09 -6.97 1.79
C LYS A 66 7.16 -5.69 0.98
N TYR A 67 6.00 -5.10 0.72
CA TYR A 67 5.93 -3.82 0.02
C TYR A 67 5.32 -2.74 0.90
N HIS A 68 6.11 -1.70 1.18
CA HIS A 68 5.67 -0.62 2.05
C HIS A 68 5.11 0.54 1.24
N ILE A 69 3.88 0.94 1.56
CA ILE A 69 3.23 2.04 0.86
C ILE A 69 3.17 3.29 1.74
N LYS A 70 3.93 4.31 1.35
CA LYS A 70 3.97 5.56 2.10
C LYS A 70 2.87 6.51 1.63
N ILE A 71 1.98 6.88 2.55
CA ILE A 71 0.87 7.75 2.23
C ILE A 71 0.97 9.07 2.97
N THR A 72 0.82 10.17 2.24
CA THR A 72 0.87 11.50 2.84
C THR A 72 -0.45 12.25 2.63
N GLY A 73 -0.95 12.85 3.71
CA GLY A 73 -2.13 13.70 3.63
C GLY A 73 -1.79 15.05 3.02
N THR A 74 -1.99 15.19 1.72
CA THR A 74 -1.52 16.34 0.98
C THR A 74 -2.53 17.48 1.03
N GLN A 75 -3.80 17.14 1.21
CA GLN A 75 -4.87 18.12 1.21
C GLN A 75 -6.00 17.70 2.14
N THR A 76 -6.69 18.67 2.72
CA THR A 76 -7.78 18.41 3.64
C THR A 76 -8.95 17.73 2.93
N GLY A 77 -9.50 16.70 3.57
CA GLY A 77 -10.64 15.97 3.01
C GLY A 77 -10.39 14.47 3.03
N GLU A 78 -11.46 13.70 2.85
CA GLU A 78 -11.36 12.25 2.83
C GLU A 78 -11.05 11.74 1.43
N GLY A 79 -9.93 11.03 1.30
CA GLY A 79 -9.48 10.53 0.00
C GLY A 79 -9.48 9.01 -0.03
N LYS A 80 -10.02 8.44 -1.11
CA LYS A 80 -10.01 6.99 -1.30
C LYS A 80 -8.77 6.54 -2.04
N ILE A 81 -8.02 5.62 -1.43
CA ILE A 81 -6.80 5.11 -2.04
C ILE A 81 -6.97 3.68 -2.52
N VAL A 82 -6.65 3.44 -3.78
CA VAL A 82 -6.77 2.10 -4.36
C VAL A 82 -5.41 1.41 -4.46
N LEU A 83 -5.19 0.43 -3.61
CA LEU A 83 -3.93 -0.31 -3.61
C LEU A 83 -4.13 -1.73 -4.15
N VAL A 84 -3.42 -2.05 -5.23
CA VAL A 84 -3.66 -3.28 -5.97
C VAL A 84 -2.43 -4.17 -5.99
N TYR A 85 -2.62 -5.45 -5.74
CA TYR A 85 -1.54 -6.42 -5.85
C TYR A 85 -1.47 -7.01 -7.25
N ARG A 86 -0.52 -6.52 -8.05
CA ARG A 86 -0.46 -6.87 -9.46
C ARG A 86 0.93 -6.63 -10.02
N ARG A 87 1.14 -7.06 -11.26
CA ARG A 87 2.40 -6.80 -11.96
C ARG A 87 2.14 -6.07 -13.28
N PRO A 88 2.95 -5.04 -13.55
CA PRO A 88 2.78 -4.23 -14.75
C PRO A 88 2.79 -5.11 -16.00
N TRP A 89 3.53 -6.21 -15.94
CA TRP A 89 3.72 -7.07 -17.11
C TRP A 89 3.01 -8.41 -16.93
N ALA A 90 2.01 -8.43 -16.05
CA ALA A 90 1.21 -9.62 -15.83
C ALA A 90 -0.07 -9.30 -15.08
N PRO A 91 -1.13 -8.98 -15.83
CA PRO A 91 -2.43 -8.69 -15.24
C PRO A 91 -3.11 -9.97 -14.75
N ASN A 92 -4.16 -9.81 -13.95
CA ASN A 92 -4.84 -10.95 -13.34
C ASN A 92 -6.14 -10.52 -12.68
N ALA A 93 -7.22 -11.20 -13.02
CA ALA A 93 -8.54 -10.88 -12.47
C ALA A 93 -8.58 -11.12 -10.97
N ASN A 94 -7.64 -11.91 -10.47
CA ASN A 94 -7.61 -12.27 -9.06
C ASN A 94 -6.64 -11.40 -8.28
N ASP A 95 -6.30 -10.25 -8.86
CA ASP A 95 -5.49 -9.26 -8.16
C ASP A 95 -6.16 -8.80 -6.87
N ARG A 96 -5.38 -8.70 -5.80
CA ARG A 96 -5.90 -8.31 -4.50
C ARG A 96 -6.18 -6.81 -4.43
N THR A 97 -7.29 -6.44 -3.82
CA THR A 97 -7.67 -5.04 -3.69
C THR A 97 -7.62 -4.59 -2.24
N PHE A 98 -6.88 -3.52 -1.99
CA PHE A 98 -6.80 -2.94 -0.65
C PHE A 98 -7.23 -1.49 -0.64
N THR A 99 -8.31 -1.19 0.05
CA THR A 99 -8.86 0.16 0.11
C THR A 99 -8.44 0.88 1.38
N LEU A 100 -7.98 2.12 1.23
CA LEU A 100 -7.70 2.96 2.38
C LEU A 100 -8.34 4.34 2.22
N LYS A 101 -9.22 4.70 3.13
CA LYS A 101 -9.84 6.03 3.14
C LYS A 101 -9.17 6.93 4.17
N VAL A 102 -8.53 7.98 3.69
CA VAL A 102 -7.74 8.86 4.55
C VAL A 102 -8.43 10.21 4.74
N ASN A 103 -8.88 10.48 5.96
CA ASN A 103 -9.57 11.72 6.27
C ASN A 103 -8.60 12.77 6.79
N VAL A 104 -8.10 13.61 5.89
CA VAL A 104 -7.05 14.56 6.22
C VAL A 104 -7.65 15.82 6.85
N GLN A 105 -7.10 16.22 7.99
CA GLN A 105 -7.54 17.44 8.67
C GLN A 105 -6.62 18.60 8.35
N GLY A 1 7.20 8.96 10.45
CA GLY A 1 5.86 9.09 10.99
C GLY A 1 5.39 7.78 11.61
N PRO A 2 4.12 7.75 12.02
CA PRO A 2 3.53 6.56 12.61
C PRO A 2 3.56 5.39 11.62
N HIS A 3 3.64 4.18 12.16
CA HIS A 3 3.67 2.98 11.34
C HIS A 3 2.42 2.13 11.56
N MET A 4 1.99 1.43 10.52
CA MET A 4 0.88 0.49 10.63
C MET A 4 1.13 -0.76 9.81
N SER A 5 0.85 -1.93 10.40
CA SER A 5 1.02 -3.19 9.70
C SER A 5 -0.31 -3.76 9.24
N LEU A 6 -0.57 -3.68 7.94
CA LEU A 6 -1.81 -4.19 7.37
C LEU A 6 -1.53 -5.29 6.35
N THR A 7 -2.52 -6.14 6.12
CA THR A 7 -2.40 -7.22 5.14
C THR A 7 -3.62 -7.27 4.22
N GLU A 8 -3.69 -8.32 3.41
CA GLU A 8 -4.71 -8.41 2.38
C GLU A 8 -6.11 -8.34 2.98
N ASP A 9 -6.28 -8.94 4.15
CA ASP A 9 -7.59 -9.04 4.78
C ASP A 9 -7.98 -7.73 5.45
N ASN A 10 -7.12 -6.72 5.32
CA ASN A 10 -7.42 -5.38 5.82
C ASN A 10 -7.93 -4.49 4.69
N ASN A 11 -8.40 -5.10 3.62
CA ASN A 11 -9.05 -4.37 2.54
C ASN A 11 -10.17 -3.47 3.07
N ASN A 12 -10.14 -2.20 2.68
CA ASN A 12 -11.10 -1.23 3.16
C ASN A 12 -10.81 -0.84 4.60
N THR A 13 -9.60 -0.38 4.86
CA THR A 13 -9.24 0.19 6.15
C THR A 13 -9.23 1.71 6.11
N THR A 14 -9.81 2.34 7.12
CA THR A 14 -9.86 3.79 7.19
C THR A 14 -9.00 4.32 8.35
N ILE A 15 -8.09 5.24 8.03
CA ILE A 15 -7.28 5.88 9.05
C ILE A 15 -7.42 7.39 9.00
N THR A 16 -6.96 8.07 10.05
CA THR A 16 -7.05 9.52 10.13
C THR A 16 -5.69 10.15 10.41
N ILE A 17 -5.31 11.11 9.59
CA ILE A 17 -4.08 11.86 9.79
C ILE A 17 -4.32 13.37 9.72
N ALA A 18 -3.33 14.14 10.14
CA ALA A 18 -3.38 15.59 9.98
C ALA A 18 -2.81 16.02 8.64
N LYS A 19 -3.29 17.16 8.14
CA LYS A 19 -2.78 17.71 6.89
C LYS A 19 -1.29 18.00 6.98
N GLY A 20 -0.51 17.42 6.07
CA GLY A 20 0.93 17.60 6.06
C GLY A 20 1.64 16.43 6.75
N GLU A 21 0.86 15.61 7.44
CA GLU A 21 1.41 14.47 8.16
C GLU A 21 1.70 13.31 7.21
N ASN A 22 2.88 12.72 7.35
CA ASN A 22 3.26 11.56 6.54
C ASN A 22 3.27 10.29 7.37
N LYS A 23 2.24 9.47 7.20
CA LYS A 23 2.13 8.21 7.94
C LYS A 23 2.48 7.02 7.06
N GLU A 24 3.26 6.10 7.60
CA GLU A 24 3.76 4.97 6.83
C GLU A 24 2.90 3.73 7.03
N ILE A 25 2.16 3.37 5.98
CA ILE A 25 1.32 2.18 6.02
C ILE A 25 1.97 1.01 5.29
N ILE A 26 2.29 -0.05 6.03
CA ILE A 26 3.01 -1.19 5.47
C ILE A 26 2.07 -2.32 5.13
N LEU A 27 1.99 -2.66 3.85
CA LEU A 27 1.21 -3.81 3.40
C LEU A 27 2.09 -5.05 3.27
N HIS A 28 1.52 -6.21 3.58
CA HIS A 28 2.24 -7.47 3.45
C HIS A 28 1.72 -8.27 2.25
N GLY A 29 2.64 -8.94 1.56
CA GLY A 29 2.28 -9.78 0.42
C GLY A 29 1.71 -11.11 0.88
N ASN A 30 1.18 -11.88 -0.07
CA ASN A 30 0.58 -13.17 0.24
C ASN A 30 1.19 -14.28 -0.60
N PRO A 31 2.03 -15.09 0.01
CA PRO A 31 2.70 -16.19 -0.69
C PRO A 31 1.69 -17.08 -1.39
N THR A 32 0.49 -17.16 -0.85
CA THR A 32 -0.56 -17.99 -1.42
C THR A 32 -0.72 -17.75 -2.91
N THR A 33 -0.70 -16.49 -3.31
CA THR A 33 -0.95 -16.10 -4.69
C THR A 33 0.35 -15.74 -5.41
N GLY A 34 1.28 -15.14 -4.67
CA GLY A 34 2.51 -14.64 -5.26
C GLY A 34 2.29 -13.30 -5.94
N TYR A 35 1.17 -12.66 -5.64
CA TYR A 35 0.84 -11.36 -6.22
C TYR A 35 1.66 -10.25 -5.57
N SER A 36 1.71 -9.11 -6.24
CA SER A 36 2.39 -7.94 -5.69
C SER A 36 1.47 -6.73 -5.64
N TRP A 37 1.50 -6.02 -4.51
CA TRP A 37 0.69 -4.82 -4.34
C TRP A 37 1.21 -3.67 -5.21
N VAL A 38 0.37 -3.22 -6.15
CA VAL A 38 0.72 -2.09 -6.99
C VAL A 38 -0.30 -0.96 -6.84
N VAL A 39 0.19 0.23 -6.49
CA VAL A 39 -0.68 1.38 -6.30
C VAL A 39 -1.25 1.86 -7.62
N ASP A 40 -2.58 1.81 -7.75
CA ASP A 40 -3.25 2.27 -8.96
C ASP A 40 -3.38 3.78 -8.98
N SER A 41 -3.97 4.35 -7.94
CA SER A 41 -4.18 5.78 -7.86
C SER A 41 -4.51 6.22 -6.44
N SER A 42 -4.56 7.52 -6.22
CA SER A 42 -4.87 8.07 -4.91
C SER A 42 -5.70 9.36 -5.02
N GLU A 43 -6.48 9.65 -4.00
CA GLU A 43 -7.33 10.84 -3.98
C GLU A 43 -6.91 11.80 -2.88
N GLY A 44 -6.14 12.82 -3.25
CA GLY A 44 -5.76 13.87 -2.32
C GLY A 44 -4.57 13.45 -1.47
N LEU A 45 -3.92 12.36 -1.87
CA LEU A 45 -2.86 11.76 -1.07
C LEU A 45 -1.61 11.53 -1.92
N SER A 46 -0.45 11.80 -1.33
CA SER A 46 0.82 11.57 -2.00
C SER A 46 1.53 10.35 -1.43
N ASN A 47 1.75 9.35 -2.28
CA ASN A 47 2.28 8.06 -1.83
C ASN A 47 3.75 7.92 -2.20
N THR A 48 4.56 7.49 -1.24
CA THR A 48 5.92 7.06 -1.52
C THR A 48 6.16 5.64 -1.02
N VAL A 49 6.31 4.71 -1.95
CA VAL A 49 6.26 3.29 -1.64
C VAL A 49 7.64 2.66 -1.74
N GLU A 50 8.12 2.08 -0.64
CA GLU A 50 9.34 1.31 -0.63
C GLU A 50 9.06 -0.17 -0.45
N TYR A 51 9.32 -0.95 -1.49
CA TYR A 51 9.07 -2.39 -1.45
C TYR A 51 10.31 -3.15 -0.99
N VAL A 52 10.15 -3.95 0.06
CA VAL A 52 11.21 -4.83 0.52
C VAL A 52 10.94 -6.28 0.12
N ALA A 53 11.66 -6.75 -0.89
CA ALA A 53 11.45 -8.08 -1.43
C ALA A 53 12.13 -9.15 -0.58
N ASP A 54 11.52 -10.32 -0.51
CA ASP A 54 12.17 -11.48 0.12
C ASP A 54 13.06 -12.22 -0.87
N GLN A 55 13.54 -13.39 -0.46
CA GLN A 55 14.54 -14.12 -1.23
C GLN A 55 13.93 -14.79 -2.44
N HIS A 56 12.60 -14.78 -2.51
CA HIS A 56 11.89 -15.48 -3.58
C HIS A 56 11.64 -14.56 -4.77
N ALA A 57 11.51 -15.16 -5.95
CA ALA A 57 11.30 -14.39 -7.17
C ALA A 57 9.90 -13.79 -7.20
N PRO A 58 9.82 -12.48 -7.40
CA PRO A 58 8.55 -11.79 -7.48
C PRO A 58 7.66 -12.40 -8.55
N GLY A 59 6.39 -12.65 -8.19
CA GLY A 59 5.42 -13.17 -9.13
C GLY A 59 5.31 -14.68 -9.02
N ILE A 60 6.21 -15.28 -8.24
CA ILE A 60 6.19 -16.72 -8.01
C ILE A 60 5.54 -17.06 -6.67
N SER A 61 4.64 -18.03 -6.68
CA SER A 61 3.97 -18.47 -5.47
C SER A 61 4.97 -18.83 -4.38
N GLY A 62 4.74 -18.32 -3.17
CA GLY A 62 5.68 -18.49 -2.07
C GLY A 62 6.43 -17.19 -1.79
N SER A 63 6.41 -16.28 -2.75
CA SER A 63 7.12 -15.02 -2.62
C SER A 63 6.28 -13.99 -1.86
N GLY A 64 6.92 -12.90 -1.47
CA GLY A 64 6.24 -11.84 -0.73
C GLY A 64 7.20 -10.70 -0.38
N GLY A 65 6.78 -9.86 0.56
CA GLY A 65 7.62 -8.76 1.04
C GLY A 65 6.79 -7.68 1.72
N LYS A 66 7.44 -6.60 2.09
CA LYS A 66 6.76 -5.49 2.76
C LYS A 66 6.65 -4.28 1.85
N TYR A 67 5.48 -3.64 1.84
CA TYR A 67 5.25 -2.48 1.01
C TYR A 67 5.06 -1.23 1.86
N HIS A 68 6.15 -0.50 2.07
CA HIS A 68 6.15 0.66 2.96
C HIS A 68 5.54 1.88 2.26
N ILE A 69 4.22 2.00 2.34
CA ILE A 69 3.51 3.07 1.66
C ILE A 69 3.41 4.31 2.55
N LYS A 70 4.28 5.28 2.30
CA LYS A 70 4.25 6.54 3.03
C LYS A 70 3.21 7.49 2.45
N ILE A 71 2.26 7.90 3.29
CA ILE A 71 1.10 8.66 2.83
C ILE A 71 1.10 10.07 3.41
N THR A 72 1.28 11.06 2.54
CA THR A 72 1.20 12.45 2.95
C THR A 72 -0.15 13.05 2.60
N GLY A 73 -0.85 13.58 3.60
CA GLY A 73 -2.12 14.24 3.39
C GLY A 73 -1.94 15.63 2.78
N THR A 74 -2.45 15.80 1.56
CA THR A 74 -2.29 17.05 0.84
C THR A 74 -3.62 17.78 0.72
N GLN A 75 -4.68 17.03 0.41
CA GLN A 75 -6.03 17.57 0.40
C GLN A 75 -6.81 17.13 1.62
N THR A 76 -7.71 17.98 2.09
CA THR A 76 -8.48 17.72 3.31
C THR A 76 -9.67 16.82 3.02
N GLY A 77 -10.19 16.19 4.07
CA GLY A 77 -11.36 15.33 3.93
C GLY A 77 -10.97 13.87 3.83
N GLU A 78 -11.87 13.04 3.31
CA GLU A 78 -11.63 11.61 3.19
C GLU A 78 -10.88 11.29 1.91
N GLY A 79 -9.60 10.96 2.04
CA GLY A 79 -8.81 10.52 0.91
C GLY A 79 -8.97 9.03 0.67
N LYS A 80 -8.50 8.57 -0.48
CA LYS A 80 -8.68 7.17 -0.88
C LYS A 80 -7.50 6.69 -1.70
N ILE A 81 -7.01 5.48 -1.39
CA ILE A 81 -5.97 4.84 -2.18
C ILE A 81 -6.43 3.49 -2.71
N VAL A 82 -6.18 3.27 -4.00
CA VAL A 82 -6.56 2.00 -4.64
C VAL A 82 -5.32 1.24 -5.09
N LEU A 83 -5.22 -0.02 -4.69
CA LEU A 83 -4.12 -0.88 -5.11
C LEU A 83 -4.64 -2.11 -5.85
N VAL A 84 -3.81 -2.64 -6.75
CA VAL A 84 -4.15 -3.84 -7.50
C VAL A 84 -3.17 -4.96 -7.22
N TYR A 85 -3.70 -6.14 -6.90
CA TYR A 85 -2.86 -7.28 -6.52
C TYR A 85 -2.42 -8.07 -7.74
N ARG A 86 -1.55 -7.49 -8.54
CA ARG A 86 -1.13 -8.10 -9.80
C ARG A 86 0.28 -8.67 -9.70
N ARG A 87 0.53 -9.74 -10.44
CA ARG A 87 1.87 -10.31 -10.51
C ARG A 87 2.81 -9.42 -11.30
N PRO A 88 4.00 -9.19 -10.74
CA PRO A 88 4.99 -8.34 -11.38
C PRO A 88 5.25 -8.79 -12.81
N TRP A 89 5.27 -10.09 -13.03
CA TRP A 89 5.71 -10.66 -14.30
C TRP A 89 4.57 -11.35 -15.02
N ALA A 90 3.35 -10.94 -14.71
CA ALA A 90 2.16 -11.50 -15.36
C ALA A 90 0.94 -10.61 -15.16
N PRO A 91 0.40 -10.10 -16.26
CA PRO A 91 -0.76 -9.24 -16.20
C PRO A 91 -2.06 -10.04 -16.13
N ASN A 92 -1.91 -11.37 -16.09
CA ASN A 92 -3.06 -12.27 -16.12
C ASN A 92 -3.46 -12.69 -14.71
N ALA A 93 -3.03 -11.92 -13.72
CA ALA A 93 -3.41 -12.17 -12.33
C ALA A 93 -4.88 -11.83 -12.10
N ASN A 94 -5.42 -12.32 -10.98
CA ASN A 94 -6.80 -12.02 -10.62
C ASN A 94 -6.98 -10.54 -10.31
N ASP A 95 -5.88 -9.86 -9.98
CA ASP A 95 -5.91 -8.42 -9.80
C ASP A 95 -6.84 -8.01 -8.67
N ARG A 96 -6.70 -8.66 -7.53
CA ARG A 96 -7.51 -8.34 -6.36
C ARG A 96 -7.31 -6.89 -5.93
N THR A 97 -8.41 -6.22 -5.63
CA THR A 97 -8.37 -4.80 -5.27
C THR A 97 -8.10 -4.62 -3.78
N PHE A 98 -7.67 -3.41 -3.41
CA PHE A 98 -7.43 -3.09 -2.01
C PHE A 98 -7.71 -1.61 -1.73
N THR A 99 -8.67 -1.36 -0.84
CA THR A 99 -9.06 0.00 -0.51
C THR A 99 -8.38 0.47 0.78
N LEU A 100 -7.71 1.62 0.70
CA LEU A 100 -7.16 2.26 1.88
C LEU A 100 -7.56 3.73 1.97
N LYS A 101 -8.38 4.05 2.95
CA LYS A 101 -8.89 5.41 3.10
C LYS A 101 -8.11 6.19 4.15
N VAL A 102 -7.81 7.45 3.86
CA VAL A 102 -7.03 8.28 4.75
C VAL A 102 -7.66 9.65 4.94
N ASN A 103 -8.21 9.90 6.12
CA ASN A 103 -8.78 11.20 6.45
C ASN A 103 -7.70 12.23 6.71
N VAL A 104 -7.89 13.43 6.19
CA VAL A 104 -6.93 14.51 6.37
C VAL A 104 -7.55 15.70 7.09
N GLN A 105 -7.00 16.03 8.26
CA GLN A 105 -7.54 17.11 9.08
C GLN A 105 -6.82 18.43 8.80
N GLY A 1 9.34 11.05 9.20
CA GLY A 1 7.95 11.38 9.52
C GLY A 1 7.25 10.21 10.19
N PRO A 2 5.95 10.36 10.41
CA PRO A 2 5.14 9.31 11.02
C PRO A 2 5.15 8.05 10.15
N HIS A 3 5.20 6.90 10.80
CA HIS A 3 5.15 5.62 10.10
C HIS A 3 4.26 4.62 10.83
N MET A 4 2.96 4.87 10.79
CA MET A 4 1.98 3.95 11.36
C MET A 4 1.79 2.72 10.47
N SER A 5 2.04 1.54 11.03
CA SER A 5 1.91 0.30 10.29
C SER A 5 0.45 -0.03 10.00
N LEU A 6 0.11 -0.12 8.72
CA LEU A 6 -1.24 -0.52 8.32
C LEU A 6 -1.22 -1.90 7.68
N THR A 7 -2.31 -2.64 7.84
CA THR A 7 -2.39 -4.02 7.37
C THR A 7 -3.79 -4.35 6.86
N GLU A 8 -4.07 -5.64 6.73
CA GLU A 8 -5.28 -6.09 6.03
C GLU A 8 -6.53 -5.66 6.79
N ASP A 9 -6.41 -5.50 8.09
CA ASP A 9 -7.54 -5.09 8.93
C ASP A 9 -7.96 -3.66 8.63
N ASN A 10 -7.11 -2.95 7.91
CA ASN A 10 -7.39 -1.56 7.54
C ASN A 10 -8.00 -1.46 6.15
N ASN A 11 -8.28 -2.62 5.55
CA ASN A 11 -8.85 -2.67 4.21
C ASN A 11 -10.29 -2.18 4.20
N ASN A 12 -10.54 -1.11 3.46
CA ASN A 12 -11.87 -0.50 3.42
C ASN A 12 -12.22 0.14 4.75
N THR A 13 -11.22 0.72 5.42
CA THR A 13 -11.46 1.50 6.62
C THR A 13 -11.04 2.96 6.41
N THR A 14 -11.49 3.83 7.30
CA THR A 14 -11.15 5.24 7.24
C THR A 14 -10.29 5.65 8.42
N ILE A 15 -9.15 6.28 8.14
CA ILE A 15 -8.26 6.77 9.18
C ILE A 15 -8.13 8.29 9.14
N THR A 16 -8.46 8.95 10.24
CA THR A 16 -8.38 10.40 10.33
C THR A 16 -6.98 10.84 10.74
N ILE A 17 -6.39 11.69 9.92
CA ILE A 17 -5.02 12.16 10.16
C ILE A 17 -4.93 13.68 10.04
N ALA A 18 -3.81 14.24 10.52
CA ALA A 18 -3.51 15.64 10.29
C ALA A 18 -2.81 15.85 8.96
N LYS A 19 -3.04 17.01 8.35
CA LYS A 19 -2.38 17.37 7.11
C LYS A 19 -0.87 17.30 7.25
N GLY A 20 -0.24 16.50 6.41
CA GLY A 20 1.21 16.33 6.46
C GLY A 20 1.59 15.02 7.13
N GLU A 21 0.64 14.42 7.83
CA GLU A 21 0.87 13.17 8.54
C GLU A 21 1.02 12.01 7.57
N ASN A 22 1.97 11.13 7.84
CA ASN A 22 2.28 10.02 6.94
C ASN A 22 1.81 8.69 7.52
N LYS A 23 1.36 7.79 6.65
CA LYS A 23 1.03 6.43 7.05
C LYS A 23 1.74 5.42 6.16
N GLU A 24 2.00 4.24 6.71
CA GLU A 24 2.78 3.21 6.01
C GLU A 24 2.02 1.89 5.95
N ILE A 25 1.66 1.47 4.74
CA ILE A 25 1.02 0.19 4.54
C ILE A 25 2.05 -0.92 4.35
N ILE A 26 2.02 -1.92 5.23
CA ILE A 26 2.97 -3.02 5.19
C ILE A 26 2.27 -4.33 4.87
N LEU A 27 2.37 -4.76 3.61
CA LEU A 27 1.74 -6.00 3.17
C LEU A 27 2.74 -6.91 2.47
N HIS A 28 2.69 -8.19 2.80
CA HIS A 28 3.63 -9.17 2.24
C HIS A 28 3.24 -9.52 0.80
N GLY A 29 4.26 -9.66 -0.05
CA GLY A 29 4.03 -10.01 -1.45
C GLY A 29 4.26 -11.50 -1.68
N ASN A 30 4.54 -11.86 -2.93
CA ASN A 30 4.85 -13.24 -3.27
C ASN A 30 5.73 -13.31 -4.53
N PRO A 31 7.02 -13.53 -4.33
CA PRO A 31 7.96 -13.60 -5.45
C PRO A 31 7.51 -14.64 -6.48
N THR A 32 6.80 -15.65 -6.02
CA THR A 32 6.31 -16.70 -6.90
C THR A 32 5.52 -16.12 -8.06
N THR A 33 4.74 -15.08 -7.78
CA THR A 33 3.91 -14.45 -8.81
C THR A 33 4.64 -13.27 -9.45
N GLY A 34 5.47 -12.59 -8.66
CA GLY A 34 6.19 -11.42 -9.14
C GLY A 34 5.32 -10.16 -9.04
N TYR A 35 4.18 -10.30 -8.36
CA TYR A 35 3.25 -9.18 -8.19
C TYR A 35 3.74 -8.23 -7.11
N SER A 36 3.19 -7.02 -7.11
CA SER A 36 3.58 -5.99 -6.15
C SER A 36 2.40 -5.15 -5.71
N TRP A 37 2.44 -4.65 -4.48
CA TRP A 37 1.42 -3.75 -3.98
C TRP A 37 1.65 -2.33 -4.47
N VAL A 38 0.91 -1.93 -5.49
CA VAL A 38 1.08 -0.61 -6.11
C VAL A 38 -0.24 0.15 -6.17
N VAL A 39 -0.21 1.41 -5.75
CA VAL A 39 -1.40 2.26 -5.79
C VAL A 39 -1.71 2.71 -7.21
N ASP A 40 -2.92 2.42 -7.67
CA ASP A 40 -3.32 2.73 -9.04
C ASP A 40 -4.17 4.00 -9.08
N SER A 41 -4.68 4.40 -7.91
CA SER A 41 -5.49 5.62 -7.82
C SER A 41 -5.47 6.17 -6.40
N SER A 42 -5.44 7.49 -6.28
CA SER A 42 -5.61 8.16 -5.00
C SER A 42 -6.24 9.54 -5.17
N GLU A 43 -7.01 9.95 -4.18
CA GLU A 43 -7.73 11.22 -4.24
C GLU A 43 -6.80 12.39 -3.95
N GLY A 44 -5.81 12.59 -4.82
CA GLY A 44 -4.90 13.73 -4.70
C GLY A 44 -3.88 13.49 -3.60
N LEU A 45 -3.77 12.24 -3.15
CA LEU A 45 -2.87 11.89 -2.06
C LEU A 45 -1.58 11.28 -2.59
N SER A 46 -0.45 11.76 -2.08
CA SER A 46 0.86 11.29 -2.51
C SER A 46 1.10 9.87 -2.04
N ASN A 47 1.75 9.06 -2.89
CA ASN A 47 1.96 7.65 -2.61
C ASN A 47 3.24 7.14 -3.25
N THR A 48 3.96 6.28 -2.53
CA THR A 48 5.14 5.63 -3.07
C THR A 48 5.35 4.25 -2.47
N VAL A 49 5.95 3.35 -3.24
CA VAL A 49 6.08 1.95 -2.83
C VAL A 49 7.55 1.58 -2.65
N GLU A 50 7.86 1.04 -1.48
CA GLU A 50 9.22 0.58 -1.19
C GLU A 50 9.24 -0.88 -0.81
N TYR A 51 9.90 -1.70 -1.64
CA TYR A 51 9.97 -3.13 -1.39
C TYR A 51 11.15 -3.48 -0.50
N VAL A 52 10.87 -4.25 0.56
CA VAL A 52 11.92 -4.74 1.44
C VAL A 52 11.93 -6.25 1.50
N ALA A 53 12.96 -6.85 0.89
CA ALA A 53 13.10 -8.30 0.87
C ALA A 53 13.57 -8.84 2.21
N ASP A 54 13.16 -10.05 2.53
CA ASP A 54 13.57 -10.69 3.78
C ASP A 54 15.02 -11.14 3.71
N GLN A 55 15.65 -11.25 4.88
CA GLN A 55 17.08 -11.55 4.94
C GLN A 55 17.34 -13.02 4.60
N HIS A 56 16.29 -13.83 4.63
CA HIS A 56 16.40 -15.25 4.34
C HIS A 56 16.33 -15.52 2.85
N ALA A 57 17.12 -16.47 2.39
CA ALA A 57 17.16 -16.83 0.98
C ALA A 57 15.96 -17.70 0.59
N PRO A 58 15.57 -17.64 -0.67
CA PRO A 58 14.47 -18.46 -1.17
C PRO A 58 14.69 -19.93 -0.84
N GLY A 59 13.68 -20.55 -0.24
CA GLY A 59 13.79 -21.93 0.19
C GLY A 59 14.02 -22.03 1.69
N ILE A 60 14.44 -20.92 2.29
CA ILE A 60 14.66 -20.87 3.73
C ILE A 60 13.43 -20.33 4.47
N SER A 61 13.07 -20.99 5.57
CA SER A 61 11.94 -20.56 6.37
C SER A 61 12.11 -19.13 6.85
N GLY A 62 11.10 -18.30 6.59
CA GLY A 62 11.16 -16.88 6.96
C GLY A 62 11.52 -16.02 5.77
N SER A 63 11.77 -16.65 4.62
CA SER A 63 12.07 -15.93 3.39
C SER A 63 10.82 -15.29 2.80
N GLY A 64 11.01 -14.36 1.89
CA GLY A 64 9.90 -13.61 1.30
C GLY A 64 10.26 -12.13 1.13
N GLY A 65 9.32 -11.27 1.47
CA GLY A 65 9.52 -9.82 1.34
C GLY A 65 8.20 -9.07 1.38
N LYS A 66 8.24 -7.85 1.90
CA LYS A 66 7.02 -7.05 2.06
C LYS A 66 7.12 -5.74 1.29
N TYR A 67 5.97 -5.20 0.91
CA TYR A 67 5.92 -3.91 0.23
C TYR A 67 5.43 -2.82 1.17
N HIS A 68 6.13 -1.69 1.17
CA HIS A 68 5.84 -0.60 2.10
C HIS A 68 5.35 0.64 1.36
N ILE A 69 4.05 0.92 1.48
CA ILE A 69 3.44 2.02 0.75
C ILE A 69 3.22 3.23 1.66
N LYS A 70 3.86 4.34 1.31
CA LYS A 70 3.81 5.54 2.14
C LYS A 70 2.77 6.52 1.64
N ILE A 71 1.84 6.90 2.52
CA ILE A 71 0.77 7.82 2.15
C ILE A 71 0.89 9.14 2.89
N THR A 72 0.76 10.24 2.16
CA THR A 72 0.82 11.57 2.76
C THR A 72 -0.52 12.29 2.63
N GLY A 73 -0.98 12.87 3.74
CA GLY A 73 -2.16 13.72 3.71
C GLY A 73 -1.87 15.08 3.10
N THR A 74 -2.13 15.22 1.81
CA THR A 74 -1.69 16.39 1.05
C THR A 74 -2.73 17.49 1.08
N GLN A 75 -3.99 17.10 1.25
CA GLN A 75 -5.09 18.06 1.23
C GLN A 75 -6.21 17.64 2.18
N THR A 76 -6.92 18.63 2.73
CA THR A 76 -7.97 18.36 3.70
C THR A 76 -9.15 17.65 3.05
N GLY A 77 -9.66 16.62 3.73
CA GLY A 77 -10.81 15.87 3.24
C GLY A 77 -10.54 14.38 3.23
N GLU A 78 -11.61 13.59 3.14
CA GLU A 78 -11.48 12.14 3.11
C GLU A 78 -11.23 11.64 1.69
N GLY A 79 -10.00 11.18 1.44
CA GLY A 79 -9.62 10.70 0.11
C GLY A 79 -9.59 9.19 0.07
N LYS A 80 -9.87 8.64 -1.11
CA LYS A 80 -9.85 7.19 -1.29
C LYS A 80 -8.58 6.74 -1.99
N ILE A 81 -8.01 5.64 -1.51
CA ILE A 81 -6.78 5.10 -2.08
C ILE A 81 -7.00 3.68 -2.59
N VAL A 82 -6.61 3.43 -3.85
CA VAL A 82 -6.74 2.11 -4.45
C VAL A 82 -5.39 1.43 -4.55
N LEU A 83 -5.17 0.46 -3.66
CA LEU A 83 -3.91 -0.29 -3.64
C LEU A 83 -4.12 -1.71 -4.17
N VAL A 84 -3.41 -2.04 -5.24
CA VAL A 84 -3.66 -3.28 -5.97
C VAL A 84 -2.42 -4.18 -5.98
N TYR A 85 -2.62 -5.45 -5.72
CA TYR A 85 -1.54 -6.43 -5.82
C TYR A 85 -1.50 -7.07 -7.20
N ARG A 86 -0.54 -6.66 -8.01
CA ARG A 86 -0.50 -7.05 -9.41
C ARG A 86 0.88 -6.82 -10.02
N ARG A 87 1.07 -7.29 -11.24
CA ARG A 87 2.29 -6.99 -11.99
C ARG A 87 1.95 -6.35 -13.33
N PRO A 88 2.63 -5.24 -13.63
CA PRO A 88 2.37 -4.50 -14.86
C PRO A 88 2.47 -5.41 -16.08
N TRP A 89 3.37 -6.38 -16.02
CA TRP A 89 3.64 -7.25 -17.16
C TRP A 89 2.98 -8.61 -17.00
N ALA A 90 2.13 -8.73 -15.98
CA ALA A 90 1.41 -9.97 -15.71
C ALA A 90 0.20 -9.74 -14.82
N PRO A 91 -0.73 -8.92 -15.29
CA PRO A 91 -1.96 -8.66 -14.56
C PRO A 91 -2.88 -9.87 -14.56
N ASN A 92 -3.76 -9.95 -13.57
CA ASN A 92 -4.65 -11.10 -13.41
C ASN A 92 -5.98 -10.69 -12.80
N ALA A 93 -7.02 -11.48 -13.08
CA ALA A 93 -8.34 -11.21 -12.54
C ALA A 93 -8.40 -11.54 -11.05
N ASN A 94 -7.40 -12.26 -10.56
CA ASN A 94 -7.35 -12.65 -9.16
C ASN A 94 -6.43 -11.72 -8.36
N ASP A 95 -6.11 -10.57 -8.95
CA ASP A 95 -5.33 -9.56 -8.25
C ASP A 95 -6.10 -9.02 -7.03
N ARG A 96 -5.35 -8.65 -6.00
CA ARG A 96 -5.94 -8.27 -4.72
C ARG A 96 -6.20 -6.77 -4.66
N THR A 97 -7.29 -6.40 -4.00
CA THR A 97 -7.65 -4.99 -3.85
C THR A 97 -7.62 -4.56 -2.40
N PHE A 98 -6.89 -3.49 -2.12
CA PHE A 98 -6.81 -2.94 -0.77
C PHE A 98 -7.23 -1.47 -0.74
N THR A 99 -8.35 -1.20 -0.08
CA THR A 99 -8.88 0.15 -0.01
C THR A 99 -8.44 0.85 1.28
N LEU A 100 -7.97 2.09 1.14
CA LEU A 100 -7.68 2.94 2.29
C LEU A 100 -8.28 4.32 2.12
N LYS A 101 -9.13 4.72 3.07
CA LYS A 101 -9.66 6.07 3.10
C LYS A 101 -8.95 6.91 4.16
N VAL A 102 -8.56 8.11 3.77
CA VAL A 102 -7.74 8.97 4.62
C VAL A 102 -8.42 10.32 4.85
N ASN A 103 -8.88 10.55 6.07
CA ASN A 103 -9.58 11.78 6.42
C ASN A 103 -8.61 12.84 6.93
N VAL A 104 -8.11 13.67 6.02
CA VAL A 104 -7.07 14.64 6.35
C VAL A 104 -7.68 15.88 7.00
N GLN A 105 -7.10 16.28 8.13
CA GLN A 105 -7.54 17.50 8.82
C GLN A 105 -6.64 18.68 8.47
N GLY A 1 9.47 4.48 9.47
CA GLY A 1 8.70 5.35 10.34
C GLY A 1 7.54 4.60 10.99
N PRO A 2 6.33 5.10 10.77
CA PRO A 2 5.13 4.44 11.26
C PRO A 2 5.06 2.99 10.77
N HIS A 3 4.38 2.15 11.54
CA HIS A 3 4.23 0.75 11.19
C HIS A 3 2.76 0.30 11.26
N MET A 4 1.94 0.89 10.39
CA MET A 4 0.53 0.51 10.32
C MET A 4 0.35 -0.79 9.55
N SER A 5 0.65 -1.91 10.21
CA SER A 5 0.58 -3.21 9.57
C SER A 5 -0.88 -3.64 9.37
N LEU A 6 -1.32 -3.66 8.12
CA LEU A 6 -2.66 -4.09 7.78
C LEU A 6 -2.64 -5.41 7.01
N THR A 7 -3.79 -6.06 6.92
CA THR A 7 -3.93 -7.30 6.17
C THR A 7 -5.12 -7.26 5.22
N GLU A 8 -5.44 -8.40 4.62
CA GLU A 8 -6.37 -8.44 3.50
C GLU A 8 -7.77 -8.07 3.95
N ASP A 9 -8.05 -8.23 5.24
CA ASP A 9 -9.38 -7.98 5.78
C ASP A 9 -9.49 -6.56 6.31
N ASN A 10 -8.53 -5.72 5.94
CA ASN A 10 -8.57 -4.31 6.33
C ASN A 10 -9.01 -3.43 5.16
N ASN A 11 -9.84 -3.99 4.29
CA ASN A 11 -10.41 -3.23 3.17
C ASN A 11 -11.29 -2.09 3.68
N ASN A 12 -11.06 -0.90 3.14
CA ASN A 12 -11.84 0.27 3.53
C ASN A 12 -11.58 0.65 4.98
N THR A 13 -10.37 0.35 5.45
CA THR A 13 -9.93 0.82 6.76
C THR A 13 -9.38 2.24 6.68
N THR A 14 -9.86 3.11 7.56
CA THR A 14 -9.50 4.52 7.51
C THR A 14 -8.43 4.85 8.55
N ILE A 15 -7.35 5.47 8.10
CA ILE A 15 -6.31 5.95 9.01
C ILE A 15 -6.25 7.47 9.02
N THR A 16 -6.42 8.05 10.21
CA THR A 16 -6.49 9.50 10.35
C THR A 16 -5.10 10.10 10.48
N ILE A 17 -4.81 11.08 9.63
CA ILE A 17 -3.52 11.77 9.66
C ILE A 17 -3.71 13.29 9.63
N ALA A 18 -2.65 14.02 9.97
CA ALA A 18 -2.65 15.47 9.83
C ALA A 18 -2.28 15.87 8.40
N LYS A 19 -2.81 17.01 7.97
CA LYS A 19 -2.49 17.54 6.65
C LYS A 19 -1.00 17.82 6.52
N GLY A 20 -0.36 17.15 5.56
CA GLY A 20 1.08 17.30 5.35
C GLY A 20 1.85 16.14 5.97
N GLU A 21 1.16 15.34 6.78
CA GLU A 21 1.77 14.20 7.44
C GLU A 21 1.96 13.03 6.47
N ASN A 22 3.13 12.42 6.51
CA ASN A 22 3.41 11.22 5.72
C ASN A 22 3.32 9.96 6.57
N LYS A 23 2.25 9.20 6.38
CA LYS A 23 2.02 8.00 7.17
C LYS A 23 2.47 6.75 6.43
N GLU A 24 3.16 5.86 7.13
CA GLU A 24 3.66 4.63 6.54
C GLU A 24 2.76 3.45 6.86
N ILE A 25 2.16 2.86 5.83
CA ILE A 25 1.26 1.73 6.01
C ILE A 25 1.84 0.46 5.40
N ILE A 26 1.82 -0.61 6.18
CA ILE A 26 2.50 -1.85 5.79
C ILE A 26 1.49 -2.93 5.41
N LEU A 27 1.59 -3.43 4.18
CA LEU A 27 0.65 -4.42 3.68
C LEU A 27 1.38 -5.64 3.10
N HIS A 28 1.08 -6.80 3.65
CA HIS A 28 1.79 -8.03 3.27
C HIS A 28 1.52 -8.38 1.81
N GLY A 29 2.56 -8.83 1.11
CA GLY A 29 2.43 -9.22 -0.29
C GLY A 29 2.25 -10.72 -0.43
N ASN A 30 2.70 -11.27 -1.55
CA ASN A 30 2.63 -12.71 -1.79
C ASN A 30 3.83 -13.19 -2.60
N PRO A 31 4.70 -13.95 -1.95
CA PRO A 31 5.97 -14.35 -2.56
C PRO A 31 5.75 -15.45 -3.58
N THR A 32 4.56 -16.04 -3.58
CA THR A 32 4.22 -17.10 -4.52
C THR A 32 3.56 -16.52 -5.77
N THR A 33 3.38 -15.21 -5.79
CA THR A 33 2.84 -14.53 -6.96
C THR A 33 3.89 -13.66 -7.62
N GLY A 34 4.60 -12.87 -6.82
CA GLY A 34 5.75 -12.11 -7.30
C GLY A 34 5.33 -10.75 -7.84
N TYR A 35 4.12 -10.34 -7.50
CA TYR A 35 3.61 -9.03 -7.89
C TYR A 35 3.85 -7.99 -6.80
N SER A 36 3.41 -6.76 -7.05
CA SER A 36 3.58 -5.68 -6.09
C SER A 36 2.31 -4.86 -5.96
N TRP A 37 2.12 -4.23 -4.80
CA TRP A 37 0.96 -3.39 -4.56
C TRP A 37 1.13 -2.01 -5.19
N VAL A 38 0.45 -1.78 -6.31
CA VAL A 38 0.61 -0.54 -7.06
C VAL A 38 -0.63 0.34 -6.93
N VAL A 39 -0.40 1.61 -6.61
CA VAL A 39 -1.48 2.58 -6.54
C VAL A 39 -1.94 3.01 -7.92
N ASP A 40 -3.18 2.69 -8.27
CA ASP A 40 -3.73 3.05 -9.57
C ASP A 40 -4.73 4.18 -9.45
N SER A 41 -4.88 4.70 -8.23
CA SER A 41 -5.80 5.81 -7.99
C SER A 41 -5.66 6.34 -6.56
N SER A 42 -5.80 7.65 -6.41
CA SER A 42 -5.81 8.27 -5.09
C SER A 42 -6.72 9.49 -5.06
N GLU A 43 -7.28 9.79 -3.90
CA GLU A 43 -8.17 10.93 -3.74
C GLU A 43 -7.60 11.97 -2.79
N GLY A 44 -6.87 12.92 -3.34
CA GLY A 44 -6.27 13.99 -2.55
C GLY A 44 -5.02 13.51 -1.82
N LEU A 45 -4.46 12.41 -2.29
CA LEU A 45 -3.32 11.78 -1.63
C LEU A 45 -2.16 11.58 -2.59
N SER A 46 -0.94 11.76 -2.09
CA SER A 46 0.26 11.48 -2.87
C SER A 46 1.24 10.62 -2.08
N ASN A 47 1.63 9.49 -2.66
CA ASN A 47 2.25 8.41 -1.89
C ASN A 47 3.34 7.72 -2.70
N THR A 48 4.02 6.77 -2.07
CA THR A 48 4.99 5.94 -2.76
C THR A 48 5.08 4.55 -2.14
N VAL A 49 5.43 3.56 -2.95
CA VAL A 49 5.41 2.17 -2.52
C VAL A 49 6.83 1.62 -2.39
N GLU A 50 7.18 1.18 -1.18
CA GLU A 50 8.44 0.47 -0.96
C GLU A 50 8.19 -0.99 -0.62
N TYR A 51 9.27 -1.73 -0.40
CA TYR A 51 9.19 -3.15 -0.10
C TYR A 51 10.33 -3.59 0.80
N VAL A 52 9.99 -4.31 1.87
CA VAL A 52 11.00 -4.92 2.73
C VAL A 52 10.70 -6.40 2.96
N ALA A 53 11.58 -7.26 2.46
CA ALA A 53 11.43 -8.70 2.66
C ALA A 53 11.70 -9.09 4.11
N ASP A 54 10.93 -10.03 4.62
CA ASP A 54 11.02 -10.42 6.02
C ASP A 54 11.64 -11.80 6.18
N GLN A 55 11.36 -12.68 5.22
CA GLN A 55 11.86 -14.05 5.26
C GLN A 55 13.01 -14.24 4.28
N HIS A 56 13.61 -13.13 3.85
CA HIS A 56 14.66 -13.17 2.84
C HIS A 56 15.33 -11.81 2.70
N ALA A 57 16.58 -11.82 2.24
CA ALA A 57 17.32 -10.59 2.00
C ALA A 57 16.59 -9.70 0.99
N PRO A 58 16.17 -8.53 1.45
CA PRO A 58 15.47 -7.58 0.58
C PRO A 58 16.31 -7.23 -0.64
N GLY A 59 15.68 -7.31 -1.81
CA GLY A 59 16.35 -6.94 -3.06
C GLY A 59 16.85 -8.18 -3.79
N ILE A 60 16.88 -9.31 -3.10
CA ILE A 60 17.36 -10.55 -3.68
C ILE A 60 16.20 -11.41 -4.18
N SER A 61 16.37 -11.98 -5.37
CA SER A 61 15.33 -12.80 -5.98
C SER A 61 14.92 -13.94 -5.06
N GLY A 62 13.62 -14.20 -4.99
CA GLY A 62 13.07 -15.18 -4.06
C GLY A 62 12.72 -14.53 -2.73
N SER A 63 12.32 -13.26 -2.78
CA SER A 63 12.03 -12.50 -1.57
C SER A 63 10.64 -12.84 -1.04
N GLY A 64 10.30 -12.27 0.11
CA GLY A 64 9.01 -12.53 0.75
C GLY A 64 8.86 -11.72 2.03
N GLY A 65 8.06 -10.66 1.97
CA GLY A 65 7.81 -9.82 3.13
C GLY A 65 6.59 -8.93 2.92
N LYS A 66 6.69 -7.68 3.36
CA LYS A 66 5.57 -6.76 3.30
C LYS A 66 5.92 -5.51 2.49
N TYR A 67 4.90 -4.87 1.94
CA TYR A 67 5.09 -3.64 1.18
C TYR A 67 4.77 -2.41 2.04
N HIS A 68 5.56 -1.35 1.85
CA HIS A 68 5.45 -0.17 2.69
C HIS A 68 4.96 1.04 1.88
N ILE A 69 3.69 1.38 2.06
CA ILE A 69 3.08 2.48 1.32
C ILE A 69 3.03 3.75 2.17
N LYS A 70 3.74 4.78 1.72
CA LYS A 70 3.85 6.02 2.47
C LYS A 70 2.99 7.12 1.87
N ILE A 71 1.97 7.55 2.61
CA ILE A 71 0.96 8.44 2.08
C ILE A 71 1.05 9.83 2.71
N THR A 72 1.26 10.84 1.89
CA THR A 72 1.19 12.23 2.33
C THR A 72 -0.19 12.82 2.04
N GLY A 73 -0.84 13.30 3.10
CA GLY A 73 -2.14 13.95 2.96
C GLY A 73 -1.99 15.37 2.41
N THR A 74 -2.56 15.60 1.24
CA THR A 74 -2.42 16.89 0.57
C THR A 74 -3.74 17.68 0.60
N GLN A 75 -4.84 16.97 0.40
CA GLN A 75 -6.16 17.57 0.50
C GLN A 75 -6.85 17.20 1.80
N THR A 76 -7.65 18.12 2.32
CA THR A 76 -8.35 17.89 3.60
C THR A 76 -9.62 17.09 3.38
N GLY A 77 -9.82 16.08 4.22
CA GLY A 77 -10.99 15.21 4.11
C GLY A 77 -10.58 13.75 4.03
N GLU A 78 -11.57 12.86 4.06
CA GLU A 78 -11.32 11.43 4.00
C GLU A 78 -11.18 10.95 2.56
N GLY A 79 -9.96 10.69 2.14
CA GLY A 79 -9.69 10.15 0.81
C GLY A 79 -9.40 8.65 0.87
N LYS A 80 -8.84 8.12 -0.21
CA LYS A 80 -8.45 6.73 -0.27
C LYS A 80 -7.51 6.45 -1.44
N ILE A 81 -6.86 5.29 -1.41
CA ILE A 81 -6.07 4.83 -2.55
C ILE A 81 -6.51 3.44 -2.99
N VAL A 82 -6.23 3.12 -4.25
CA VAL A 82 -6.55 1.80 -4.79
C VAL A 82 -5.29 1.01 -5.09
N LEU A 83 -4.94 0.09 -4.20
CA LEU A 83 -3.80 -0.79 -4.41
C LEU A 83 -4.20 -2.03 -5.21
N VAL A 84 -3.48 -2.27 -6.31
CA VAL A 84 -3.68 -3.47 -7.10
C VAL A 84 -2.40 -4.30 -7.18
N TYR A 85 -2.51 -5.59 -6.89
CA TYR A 85 -1.36 -6.47 -6.82
C TYR A 85 -0.96 -6.97 -8.19
N ARG A 86 0.01 -6.29 -8.80
CA ARG A 86 0.34 -6.52 -10.20
C ARG A 86 1.75 -6.02 -10.53
N ARG A 87 2.18 -6.25 -11.77
CA ARG A 87 3.43 -5.68 -12.26
C ARG A 87 3.20 -4.88 -13.54
N PRO A 88 4.13 -3.97 -13.84
CA PRO A 88 4.09 -3.22 -15.09
C PRO A 88 3.98 -4.14 -16.29
N TRP A 89 4.57 -5.33 -16.18
CA TRP A 89 4.59 -6.28 -17.29
C TRP A 89 3.59 -7.41 -17.06
N ALA A 90 2.81 -7.29 -16.00
CA ALA A 90 1.83 -8.31 -15.65
C ALA A 90 0.65 -7.72 -14.90
N PRO A 91 -0.22 -7.02 -15.65
CA PRO A 91 -1.37 -6.34 -15.05
C PRO A 91 -2.45 -7.34 -14.65
N ASN A 92 -2.32 -8.57 -15.14
CA ASN A 92 -3.27 -9.63 -14.82
C ASN A 92 -3.13 -10.08 -13.37
N ALA A 93 -3.74 -9.33 -12.46
CA ALA A 93 -3.70 -9.66 -11.05
C ALA A 93 -4.57 -10.86 -10.73
N ASN A 94 -4.26 -11.57 -9.65
CA ASN A 94 -5.04 -12.73 -9.23
C ASN A 94 -6.16 -12.33 -8.29
N ASP A 95 -6.96 -11.36 -8.71
CA ASP A 95 -8.07 -10.87 -7.90
C ASP A 95 -7.60 -10.40 -6.53
N ARG A 96 -6.52 -9.62 -6.52
CA ARG A 96 -5.94 -9.11 -5.29
C ARG A 96 -5.85 -7.59 -5.31
N THR A 97 -6.89 -6.94 -4.78
CA THR A 97 -6.86 -5.49 -4.60
C THR A 97 -7.04 -5.11 -3.13
N PHE A 98 -6.70 -3.87 -2.80
CA PHE A 98 -6.82 -3.39 -1.43
C PHE A 98 -7.15 -1.90 -1.40
N THR A 99 -8.27 -1.56 -0.78
CA THR A 99 -8.68 -0.16 -0.63
C THR A 99 -8.26 0.38 0.73
N LEU A 100 -7.47 1.45 0.73
CA LEU A 100 -7.00 2.06 1.96
C LEU A 100 -7.46 3.51 2.07
N LYS A 101 -8.20 3.81 3.13
CA LYS A 101 -8.76 5.14 3.32
C LYS A 101 -7.88 5.98 4.25
N VAL A 102 -7.81 7.27 3.97
CA VAL A 102 -6.99 8.18 4.78
C VAL A 102 -7.76 9.45 5.12
N ASN A 103 -7.91 9.72 6.41
CA ASN A 103 -8.64 10.90 6.87
C ASN A 103 -7.68 12.05 7.19
N VAL A 104 -7.59 13.00 6.26
CA VAL A 104 -6.65 14.10 6.40
C VAL A 104 -7.28 15.28 7.13
N GLN A 105 -6.71 15.63 8.28
CA GLN A 105 -7.21 16.75 9.07
C GLN A 105 -6.21 17.90 9.09
N GLY A 1 5.37 14.82 11.20
CA GLY A 1 4.26 13.92 10.84
C GLY A 1 4.42 12.57 11.50
N PRO A 2 3.83 12.41 12.68
CA PRO A 2 3.91 11.15 13.42
C PRO A 2 3.39 10.00 12.58
N HIS A 3 4.20 8.95 12.46
CA HIS A 3 3.83 7.78 11.67
C HIS A 3 3.03 6.79 12.50
N MET A 4 2.17 6.02 11.84
CA MET A 4 1.45 4.93 12.48
C MET A 4 1.58 3.64 11.68
N SER A 5 1.86 2.55 12.38
CA SER A 5 2.05 1.25 11.73
C SER A 5 0.70 0.66 11.29
N LEU A 6 0.46 0.66 9.99
CA LEU A 6 -0.74 0.06 9.44
C LEU A 6 -0.42 -1.26 8.73
N THR A 7 -1.45 -2.07 8.50
CA THR A 7 -1.27 -3.39 7.89
C THR A 7 -2.53 -3.82 7.15
N GLU A 8 -2.57 -5.09 6.77
CA GLU A 8 -3.59 -5.58 5.84
C GLU A 8 -4.96 -5.59 6.50
N ASP A 9 -4.98 -5.63 7.83
CA ASP A 9 -6.23 -5.63 8.59
C ASP A 9 -6.91 -4.27 8.53
N ASN A 10 -6.22 -3.30 7.95
CA ASN A 10 -6.78 -1.96 7.78
C ASN A 10 -7.50 -1.82 6.45
N ASN A 11 -7.67 -2.95 5.76
CA ASN A 11 -8.45 -2.97 4.52
C ASN A 11 -9.87 -2.50 4.75
N ASN A 12 -10.25 -1.41 4.08
CA ASN A 12 -11.59 -0.85 4.21
C ASN A 12 -11.80 -0.26 5.60
N THR A 13 -10.73 0.31 6.16
CA THR A 13 -10.84 1.11 7.38
C THR A 13 -10.37 2.53 7.15
N THR A 14 -10.92 3.46 7.92
CA THR A 14 -10.65 4.89 7.72
C THR A 14 -9.52 5.36 8.62
N ILE A 15 -8.46 5.89 8.00
CA ILE A 15 -7.35 6.45 8.75
C ILE A 15 -7.37 7.98 8.70
N THR A 16 -7.71 8.59 9.83
CA THR A 16 -7.77 10.04 9.93
C THR A 16 -6.41 10.63 10.27
N ILE A 17 -5.93 11.54 9.44
CA ILE A 17 -4.61 12.15 9.63
C ILE A 17 -4.68 13.65 9.45
N ALA A 18 -3.64 14.34 9.90
CA ALA A 18 -3.51 15.78 9.68
C ALA A 18 -2.82 16.08 8.36
N LYS A 19 -3.12 17.23 7.78
CA LYS A 19 -2.48 17.67 6.55
C LYS A 19 -0.97 17.75 6.70
N GLY A 20 -0.25 16.95 5.93
CA GLY A 20 1.21 16.94 5.98
C GLY A 20 1.72 15.76 6.78
N GLU A 21 0.82 15.09 7.49
CA GLU A 21 1.20 13.96 8.34
C GLU A 21 1.47 12.72 7.49
N ASN A 22 2.56 12.03 7.82
CA ASN A 22 2.98 10.85 7.06
C ASN A 22 2.65 9.56 7.80
N LYS A 23 2.04 8.61 7.10
CA LYS A 23 1.81 7.29 7.66
C LYS A 23 2.50 6.22 6.83
N GLU A 24 2.47 4.99 7.33
CA GLU A 24 3.09 3.86 6.62
C GLU A 24 2.29 2.58 6.82
N ILE A 25 2.03 1.88 5.72
CA ILE A 25 1.25 0.65 5.76
C ILE A 25 2.01 -0.51 5.13
N ILE A 26 1.94 -1.68 5.76
CA ILE A 26 2.65 -2.85 5.27
C ILE A 26 1.70 -3.84 4.62
N LEU A 27 1.84 -4.02 3.31
CA LEU A 27 1.05 -5.01 2.58
C LEU A 27 1.94 -6.11 2.02
N HIS A 28 1.73 -7.33 2.49
CA HIS A 28 2.59 -8.45 2.11
C HIS A 28 2.32 -8.90 0.68
N GLY A 29 3.38 -9.21 -0.05
CA GLY A 29 3.26 -9.62 -1.44
C GLY A 29 3.38 -11.13 -1.57
N ASN A 30 3.92 -11.58 -2.70
CA ASN A 30 4.07 -13.01 -2.97
C ASN A 30 5.16 -13.26 -4.00
N PRO A 31 6.19 -14.01 -3.59
CA PRO A 31 7.39 -14.17 -4.41
C PRO A 31 7.12 -15.10 -5.58
N THR A 32 6.01 -15.83 -5.51
CA THR A 32 5.65 -16.77 -6.57
C THR A 32 4.76 -16.11 -7.61
N THR A 33 4.50 -14.82 -7.43
CA THR A 33 3.73 -14.04 -8.40
C THR A 33 4.61 -13.03 -9.12
N GLY A 34 5.47 -12.36 -8.36
CA GLY A 34 6.34 -11.32 -8.91
C GLY A 34 5.58 -10.01 -9.10
N TYR A 35 4.45 -9.87 -8.40
CA TYR A 35 3.63 -8.68 -8.49
C TYR A 35 4.00 -7.67 -7.41
N SER A 36 3.34 -6.52 -7.42
CA SER A 36 3.57 -5.49 -6.43
C SER A 36 2.30 -4.70 -6.13
N TRP A 37 2.25 -4.09 -4.95
CA TRP A 37 1.10 -3.28 -4.56
C TRP A 37 1.22 -1.86 -5.13
N VAL A 38 0.43 -1.58 -6.16
CA VAL A 38 0.50 -0.30 -6.85
C VAL A 38 -0.78 0.51 -6.67
N VAL A 39 -0.62 1.78 -6.31
CA VAL A 39 -1.75 2.68 -6.19
C VAL A 39 -2.30 3.07 -7.55
N ASP A 40 -3.56 2.72 -7.80
CA ASP A 40 -4.19 3.00 -9.08
C ASP A 40 -5.17 4.16 -8.97
N SER A 41 -5.48 4.55 -7.73
CA SER A 41 -6.33 5.71 -7.48
C SER A 41 -5.99 6.36 -6.15
N SER A 42 -5.66 7.64 -6.19
CA SER A 42 -5.44 8.42 -4.97
C SER A 42 -6.37 9.61 -4.90
N GLU A 43 -6.69 10.03 -3.67
CA GLU A 43 -7.58 11.17 -3.47
C GLU A 43 -6.81 12.48 -3.52
N GLY A 44 -5.50 12.39 -3.69
CA GLY A 44 -4.63 13.55 -3.59
C GLY A 44 -3.56 13.35 -2.52
N LEU A 45 -3.16 12.11 -2.33
CA LEU A 45 -2.11 11.78 -1.36
C LEU A 45 -0.92 11.11 -2.05
N SER A 46 0.28 11.43 -1.59
CA SER A 46 1.49 10.88 -2.18
C SER A 46 1.82 9.51 -1.59
N ASN A 47 2.05 8.53 -2.46
CA ASN A 47 2.23 7.15 -2.03
C ASN A 47 3.56 6.59 -2.54
N THR A 48 4.49 6.36 -1.62
CA THR A 48 5.78 5.78 -1.97
C THR A 48 5.90 4.35 -1.46
N VAL A 49 6.16 3.42 -2.38
CA VAL A 49 6.20 2.00 -2.05
C VAL A 49 7.61 1.45 -2.10
N GLU A 50 7.97 0.64 -1.12
CA GLU A 50 9.30 0.03 -1.07
C GLU A 50 9.21 -1.45 -0.68
N TYR A 51 9.78 -2.31 -1.51
CA TYR A 51 9.83 -3.73 -1.22
C TYR A 51 10.84 -4.05 -0.14
N VAL A 52 10.44 -4.87 0.82
CA VAL A 52 11.33 -5.25 1.92
C VAL A 52 11.53 -6.75 1.97
N ALA A 53 12.79 -7.17 1.93
CA ALA A 53 13.15 -8.58 2.10
C ALA A 53 13.37 -8.91 3.58
N ASP A 54 12.29 -9.25 4.28
CA ASP A 54 12.33 -9.41 5.72
C ASP A 54 12.96 -10.75 6.10
N GLN A 55 14.29 -10.77 6.16
CA GLN A 55 15.02 -11.97 6.57
C GLN A 55 14.63 -13.16 5.71
N HIS A 56 14.71 -12.99 4.40
CA HIS A 56 14.44 -14.07 3.46
C HIS A 56 15.01 -13.77 2.08
N ALA A 57 14.96 -14.75 1.19
CA ALA A 57 15.42 -14.58 -0.18
C ALA A 57 14.26 -14.37 -1.13
N PRO A 58 14.13 -13.15 -1.65
CA PRO A 58 13.07 -12.83 -2.60
C PRO A 58 13.12 -13.74 -3.81
N GLY A 59 11.95 -14.20 -4.25
CA GLY A 59 11.85 -15.03 -5.45
C GLY A 59 11.76 -16.50 -5.10
N ILE A 60 12.13 -16.84 -3.86
CA ILE A 60 12.12 -18.23 -3.41
C ILE A 60 10.77 -18.60 -2.81
N SER A 61 10.17 -19.65 -3.33
CA SER A 61 8.88 -20.13 -2.83
C SER A 61 9.00 -20.56 -1.38
N GLY A 62 8.10 -20.05 -0.54
CA GLY A 62 8.12 -20.36 0.89
C GLY A 62 8.81 -19.26 1.69
N SER A 63 9.28 -18.24 0.99
CA SER A 63 9.91 -17.10 1.63
C SER A 63 8.89 -16.04 2.01
N GLY A 64 8.63 -15.12 1.10
CA GLY A 64 7.65 -14.06 1.32
C GLY A 64 8.11 -12.74 0.75
N GLY A 65 7.65 -11.65 1.34
CA GLY A 65 8.08 -10.31 0.93
C GLY A 65 7.02 -9.27 1.27
N LYS A 66 7.47 -8.08 1.68
CA LYS A 66 6.57 -7.04 2.15
C LYS A 66 6.70 -5.78 1.30
N TYR A 67 5.58 -5.10 1.09
CA TYR A 67 5.59 -3.80 0.44
C TYR A 67 5.15 -2.70 1.41
N HIS A 68 6.07 -1.79 1.73
CA HIS A 68 5.77 -0.68 2.63
C HIS A 68 5.40 0.57 1.85
N ILE A 69 4.19 1.08 2.11
CA ILE A 69 3.71 2.27 1.42
C ILE A 69 3.55 3.43 2.40
N LYS A 70 4.25 4.53 2.12
CA LYS A 70 4.15 5.73 2.94
C LYS A 70 3.18 6.74 2.32
N ILE A 71 2.31 7.31 3.14
CA ILE A 71 1.23 8.15 2.66
C ILE A 71 1.32 9.56 3.22
N THR A 72 1.44 10.53 2.32
CA THR A 72 1.45 11.94 2.72
C THR A 72 0.12 12.60 2.45
N GLY A 73 -0.54 13.08 3.50
CA GLY A 73 -1.83 13.73 3.38
C GLY A 73 -1.68 15.16 2.89
N THR A 74 -1.70 15.33 1.57
CA THR A 74 -1.62 16.66 0.97
C THR A 74 -3.01 17.26 0.75
N GLN A 75 -3.84 16.54 -0.01
CA GLN A 75 -5.21 16.98 -0.25
C GLN A 75 -6.10 16.67 0.94
N THR A 76 -6.81 17.68 1.42
CA THR A 76 -7.72 17.52 2.55
C THR A 76 -9.05 16.92 2.10
N GLY A 77 -9.75 16.30 3.04
CA GLY A 77 -11.04 15.67 2.73
C GLY A 77 -11.01 14.17 3.02
N GLU A 78 -12.14 13.51 2.82
CA GLU A 78 -12.25 12.09 3.08
C GLU A 78 -12.47 11.31 1.79
N GLY A 79 -11.79 10.17 1.65
CA GLY A 79 -11.92 9.34 0.48
C GLY A 79 -11.25 7.98 0.68
N LYS A 80 -10.82 7.36 -0.41
CA LYS A 80 -10.17 6.06 -0.35
C LYS A 80 -9.05 5.96 -1.39
N ILE A 81 -7.98 5.26 -1.01
CA ILE A 81 -6.89 4.99 -1.94
C ILE A 81 -6.90 3.53 -2.39
N VAL A 82 -6.91 3.32 -3.70
CA VAL A 82 -7.06 1.98 -4.26
C VAL A 82 -5.72 1.40 -4.68
N LEU A 83 -5.40 0.23 -4.13
CA LEU A 83 -4.18 -0.48 -4.51
C LEU A 83 -4.51 -1.83 -5.12
N VAL A 84 -3.74 -2.23 -6.12
CA VAL A 84 -3.89 -3.54 -6.75
C VAL A 84 -2.57 -4.30 -6.78
N TYR A 85 -2.60 -5.54 -6.29
CA TYR A 85 -1.43 -6.40 -6.32
C TYR A 85 -1.19 -6.96 -7.72
N ARG A 86 -0.54 -6.18 -8.57
CA ARG A 86 -0.33 -6.56 -9.97
C ARG A 86 1.08 -6.25 -10.41
N ARG A 87 1.46 -6.77 -11.58
CA ARG A 87 2.80 -6.59 -12.11
C ARG A 87 3.03 -5.15 -12.54
N PRO A 88 4.21 -4.63 -12.22
CA PRO A 88 4.58 -3.27 -12.61
C PRO A 88 4.40 -3.07 -14.11
N TRP A 89 4.55 -4.15 -14.88
CA TRP A 89 4.50 -4.07 -16.33
C TRP A 89 3.25 -4.72 -16.88
N ALA A 90 2.20 -4.77 -16.07
CA ALA A 90 0.91 -5.26 -16.51
C ALA A 90 -0.22 -4.35 -16.05
N PRO A 91 -0.90 -3.73 -17.01
CA PRO A 91 -1.98 -2.80 -16.71
C PRO A 91 -3.26 -3.55 -16.33
N ASN A 92 -3.26 -4.86 -16.58
CA ASN A 92 -4.43 -5.68 -16.32
C ASN A 92 -4.65 -5.87 -14.83
N ALA A 93 -5.29 -4.89 -14.20
CA ALA A 93 -5.60 -4.96 -12.77
C ALA A 93 -6.65 -6.03 -12.51
N ASN A 94 -6.20 -7.26 -12.31
CA ASN A 94 -7.10 -8.37 -11.99
C ASN A 94 -6.51 -9.26 -10.90
N ASP A 95 -6.43 -8.72 -9.69
CA ASP A 95 -5.89 -9.47 -8.56
C ASP A 95 -6.32 -8.86 -7.23
N ARG A 96 -5.84 -9.44 -6.14
CA ARG A 96 -6.16 -8.94 -4.81
C ARG A 96 -6.00 -7.43 -4.73
N THR A 97 -7.08 -6.74 -4.39
CA THR A 97 -7.05 -5.29 -4.23
C THR A 97 -7.01 -4.91 -2.75
N PHE A 98 -6.80 -3.62 -2.49
CA PHE A 98 -6.79 -3.12 -1.12
C PHE A 98 -7.37 -1.72 -1.04
N THR A 99 -8.29 -1.51 -0.10
CA THR A 99 -8.91 -0.21 0.10
C THR A 99 -8.32 0.49 1.32
N LEU A 100 -7.69 1.64 1.10
CA LEU A 100 -7.16 2.44 2.19
C LEU A 100 -7.92 3.77 2.31
N LYS A 101 -8.96 3.77 3.14
CA LYS A 101 -9.75 4.97 3.37
C LYS A 101 -8.99 5.97 4.24
N VAL A 102 -9.04 7.23 3.85
CA VAL A 102 -8.28 8.28 4.54
C VAL A 102 -9.16 9.49 4.81
N ASN A 103 -8.82 10.23 5.86
CA ASN A 103 -9.48 11.50 6.15
C ASN A 103 -8.47 12.56 6.58
N VAL A 104 -8.15 13.47 5.67
CA VAL A 104 -7.09 14.44 5.91
C VAL A 104 -7.66 15.77 6.39
N GLN A 105 -7.21 16.22 7.56
CA GLN A 105 -7.66 17.49 8.12
C GLN A 105 -6.54 18.51 8.15
N GLY A 1 6.45 14.47 9.25
CA GLY A 1 5.29 13.92 9.94
C GLY A 1 5.51 12.46 10.28
N PRO A 2 4.84 12.00 11.34
CA PRO A 2 4.95 10.61 11.77
C PRO A 2 4.19 9.68 10.84
N HIS A 3 4.52 8.40 10.89
CA HIS A 3 3.89 7.40 10.03
C HIS A 3 2.78 6.67 10.78
N MET A 4 1.61 6.58 10.16
CA MET A 4 0.54 5.75 10.65
C MET A 4 0.86 4.27 10.48
N SER A 5 0.50 3.45 11.47
CA SER A 5 0.74 2.02 11.42
C SER A 5 -0.43 1.29 10.76
N LEU A 6 -0.31 1.04 9.47
CA LEU A 6 -1.41 0.46 8.69
C LEU A 6 -0.97 -0.83 8.01
N THR A 7 -1.93 -1.73 7.82
CA THR A 7 -1.65 -3.00 7.15
C THR A 7 -2.92 -3.58 6.53
N GLU A 8 -2.85 -4.85 6.13
CA GLU A 8 -3.89 -5.45 5.30
C GLU A 8 -5.24 -5.42 6.01
N ASP A 9 -5.20 -5.42 7.35
CA ASP A 9 -6.42 -5.47 8.15
C ASP A 9 -7.20 -4.17 8.04
N ASN A 10 -6.57 -3.15 7.45
CA ASN A 10 -7.22 -1.86 7.27
C ASN A 10 -7.98 -1.80 5.95
N ASN A 11 -8.01 -2.93 5.24
CA ASN A 11 -8.80 -3.04 4.02
C ASN A 11 -10.27 -2.81 4.29
N ASN A 12 -10.85 -1.82 3.61
CA ASN A 12 -12.25 -1.47 3.80
C ASN A 12 -12.50 -0.88 5.18
N THR A 13 -11.54 -0.08 5.65
CA THR A 13 -11.72 0.68 6.87
C THR A 13 -11.51 2.17 6.63
N THR A 14 -11.68 2.97 7.68
CA THR A 14 -11.53 4.42 7.58
C THR A 14 -10.53 4.94 8.60
N ILE A 15 -9.51 5.65 8.12
CA ILE A 15 -8.49 6.20 9.00
C ILE A 15 -8.43 7.72 8.88
N THR A 16 -8.45 8.39 10.02
CA THR A 16 -8.29 9.84 10.05
C THR A 16 -6.83 10.23 10.25
N ILE A 17 -6.36 11.20 9.48
CA ILE A 17 -4.96 11.59 9.48
C ILE A 17 -4.80 13.09 9.31
N ALA A 18 -3.75 13.63 9.92
CA ALA A 18 -3.45 15.05 9.80
C ALA A 18 -2.72 15.37 8.49
N LYS A 19 -2.99 16.53 7.93
CA LYS A 19 -2.29 16.99 6.73
C LYS A 19 -0.79 17.10 7.00
N GLY A 20 0.00 16.48 6.13
CA GLY A 20 1.45 16.47 6.28
C GLY A 20 1.93 15.22 7.00
N GLU A 21 0.99 14.49 7.58
CA GLU A 21 1.31 13.26 8.30
C GLU A 21 1.42 12.08 7.33
N ASN A 22 2.34 11.16 7.63
CA ASN A 22 2.66 10.09 6.70
C ASN A 22 1.91 8.81 7.07
N LYS A 23 1.90 7.85 6.15
CA LYS A 23 1.33 6.54 6.42
C LYS A 23 2.31 5.43 6.09
N GLU A 24 2.52 4.52 7.04
CA GLU A 24 3.29 3.30 6.79
C GLU A 24 2.37 2.11 6.53
N ILE A 25 2.05 1.89 5.26
CA ILE A 25 1.16 0.81 4.88
C ILE A 25 1.95 -0.44 4.47
N ILE A 26 1.91 -1.46 5.32
CA ILE A 26 2.68 -2.67 5.09
C ILE A 26 1.78 -3.80 4.58
N LEU A 27 1.98 -4.17 3.32
CA LEU A 27 1.19 -5.23 2.70
C LEU A 27 2.09 -6.37 2.22
N HIS A 28 1.64 -7.60 2.48
CA HIS A 28 2.44 -8.78 2.15
C HIS A 28 2.36 -9.12 0.67
N GLY A 29 3.46 -9.57 0.11
CA GLY A 29 3.51 -9.94 -1.31
C GLY A 29 3.12 -11.39 -1.50
N ASN A 30 3.44 -11.95 -2.66
CA ASN A 30 3.15 -13.34 -2.97
C ASN A 30 3.91 -13.81 -4.20
N PRO A 31 5.00 -14.56 -3.96
CA PRO A 31 5.84 -15.03 -5.05
C PRO A 31 5.05 -15.84 -6.05
N THR A 32 3.94 -16.43 -5.61
CA THR A 32 3.10 -17.24 -6.46
C THR A 32 2.80 -16.53 -7.78
N THR A 33 2.51 -15.24 -7.69
CA THR A 33 2.17 -14.45 -8.88
C THR A 33 3.38 -13.67 -9.38
N GLY A 34 4.23 -13.24 -8.46
CA GLY A 34 5.41 -12.44 -8.82
C GLY A 34 5.01 -11.01 -9.12
N TYR A 35 3.89 -10.57 -8.56
CA TYR A 35 3.41 -9.21 -8.78
C TYR A 35 3.91 -8.27 -7.69
N SER A 36 3.53 -7.00 -7.80
CA SER A 36 3.91 -6.01 -6.80
C SER A 36 2.73 -5.11 -6.45
N TRP A 37 2.73 -4.61 -5.21
CA TRP A 37 1.73 -3.63 -4.79
C TRP A 37 1.96 -2.28 -5.44
N VAL A 38 0.98 -1.81 -6.20
CA VAL A 38 1.08 -0.54 -6.90
C VAL A 38 -0.07 0.38 -6.54
N VAL A 39 0.13 1.68 -6.78
CA VAL A 39 -0.88 2.68 -6.44
C VAL A 39 -1.77 3.00 -7.62
N ASP A 40 -3.07 2.75 -7.47
CA ASP A 40 -4.04 3.03 -8.52
C ASP A 40 -4.73 4.36 -8.29
N SER A 41 -4.91 4.71 -7.02
CA SER A 41 -5.53 5.99 -6.66
C SER A 41 -5.04 6.47 -5.30
N SER A 42 -4.82 7.78 -5.18
CA SER A 42 -4.57 8.41 -3.89
C SER A 42 -5.17 9.80 -3.84
N GLU A 43 -6.46 9.87 -3.54
CA GLU A 43 -7.23 11.09 -3.76
C GLU A 43 -6.80 12.19 -2.80
N GLY A 44 -5.73 12.90 -3.16
CA GLY A 44 -5.31 14.08 -2.42
C GLY A 44 -4.10 13.78 -1.55
N LEU A 45 -3.45 12.65 -1.81
CA LEU A 45 -2.29 12.24 -1.04
C LEU A 45 -1.13 11.83 -1.95
N SER A 46 0.08 12.14 -1.53
CA SER A 46 1.28 11.69 -2.24
C SER A 46 1.53 10.21 -2.00
N ASN A 47 2.10 9.54 -2.99
CA ASN A 47 2.19 8.08 -2.98
C ASN A 47 3.53 7.60 -3.51
N THR A 48 4.13 6.64 -2.83
CA THR A 48 5.27 5.90 -3.36
C THR A 48 5.42 4.54 -2.68
N VAL A 49 6.00 3.59 -3.41
CA VAL A 49 6.09 2.22 -2.92
C VAL A 49 7.54 1.77 -2.81
N GLU A 50 7.89 1.20 -1.66
CA GLU A 50 9.22 0.63 -1.46
C GLU A 50 9.14 -0.81 -0.99
N TYR A 51 9.64 -1.73 -1.81
CA TYR A 51 9.65 -3.14 -1.47
C TYR A 51 10.55 -3.41 -0.26
N VAL A 52 10.03 -4.17 0.69
CA VAL A 52 10.80 -4.58 1.86
C VAL A 52 11.37 -5.98 1.68
N ALA A 53 12.64 -6.06 1.32
CA ALA A 53 13.30 -7.34 1.12
C ALA A 53 13.67 -7.99 2.45
N ASP A 54 13.59 -9.31 2.51
CA ASP A 54 13.94 -10.06 3.72
C ASP A 54 15.44 -9.93 4.01
N GLN A 55 15.77 -9.70 5.28
CA GLN A 55 17.15 -9.46 5.67
C GLN A 55 17.87 -10.76 5.99
N HIS A 56 17.94 -11.65 4.99
CA HIS A 56 18.52 -12.97 5.19
C HIS A 56 19.60 -13.25 4.16
N ALA A 57 20.31 -14.36 4.32
CA ALA A 57 21.36 -14.75 3.39
C ALA A 57 20.79 -15.06 2.02
N PRO A 58 21.64 -14.96 0.99
CA PRO A 58 21.21 -15.27 -0.37
C PRO A 58 20.57 -16.64 -0.47
N GLY A 59 19.53 -16.74 -1.28
CA GLY A 59 18.72 -17.96 -1.35
C GLY A 59 17.28 -17.68 -0.95
N ILE A 60 16.92 -16.41 -0.88
CA ILE A 60 15.57 -16.00 -0.48
C ILE A 60 14.57 -16.23 -1.61
N SER A 61 13.55 -17.02 -1.32
CA SER A 61 12.55 -17.37 -2.32
C SER A 61 11.58 -16.20 -2.57
N GLY A 62 11.45 -15.33 -1.57
CA GLY A 62 10.55 -14.20 -1.67
C GLY A 62 9.41 -14.31 -0.67
N SER A 63 9.17 -15.52 -0.19
CA SER A 63 8.12 -15.77 0.79
C SER A 63 8.42 -15.08 2.11
N GLY A 64 7.49 -14.26 2.57
CA GLY A 64 7.69 -13.47 3.79
C GLY A 64 7.99 -12.02 3.46
N GLY A 65 8.33 -11.76 2.20
CA GLY A 65 8.65 -10.41 1.75
C GLY A 65 7.40 -9.53 1.71
N LYS A 66 7.57 -8.25 2.01
CA LYS A 66 6.44 -7.33 2.11
C LYS A 66 6.72 -6.04 1.33
N TYR A 67 5.67 -5.25 1.12
CA TYR A 67 5.82 -3.94 0.48
C TYR A 67 5.45 -2.82 1.44
N HIS A 68 6.24 -1.75 1.42
CA HIS A 68 5.97 -0.57 2.24
C HIS A 68 5.48 0.60 1.38
N ILE A 69 4.20 0.89 1.48
CA ILE A 69 3.61 1.99 0.71
C ILE A 69 3.54 3.26 1.54
N LYS A 70 4.22 4.30 1.09
CA LYS A 70 4.27 5.57 1.82
C LYS A 70 3.26 6.56 1.28
N ILE A 71 2.31 6.96 2.11
CA ILE A 71 1.29 7.92 1.73
C ILE A 71 1.35 9.17 2.59
N THR A 72 1.28 10.34 1.96
CA THR A 72 1.32 11.61 2.68
C THR A 72 0.14 12.49 2.31
N GLY A 73 -0.58 12.96 3.33
CA GLY A 73 -1.74 13.81 3.12
C GLY A 73 -1.32 15.20 2.62
N THR A 74 -1.78 15.55 1.43
CA THR A 74 -1.43 16.84 0.83
C THR A 74 -2.66 17.73 0.68
N GLN A 75 -3.83 17.10 0.56
CA GLN A 75 -5.08 17.83 0.50
C GLN A 75 -6.04 17.38 1.60
N THR A 76 -6.83 18.32 2.11
CA THR A 76 -7.73 18.04 3.23
C THR A 76 -9.07 17.50 2.73
N GLY A 77 -9.83 16.91 3.63
CA GLY A 77 -11.17 16.42 3.31
C GLY A 77 -11.17 14.91 3.10
N GLU A 78 -12.15 14.43 2.34
CA GLU A 78 -12.29 13.00 2.11
C GLU A 78 -11.40 12.54 0.95
N GLY A 79 -10.59 11.51 1.22
CA GLY A 79 -9.74 10.94 0.19
C GLY A 79 -9.98 9.43 0.06
N LYS A 80 -9.07 8.76 -0.64
CA LYS A 80 -9.21 7.33 -0.90
C LYS A 80 -7.92 6.74 -1.45
N ILE A 81 -7.45 5.68 -0.81
CA ILE A 81 -6.24 4.99 -1.27
C ILE A 81 -6.59 3.61 -1.85
N VAL A 82 -6.22 3.41 -3.11
CA VAL A 82 -6.44 2.13 -3.77
C VAL A 82 -5.13 1.46 -4.16
N LEU A 83 -4.83 0.33 -3.50
CA LEU A 83 -3.64 -0.44 -3.83
C LEU A 83 -4.03 -1.82 -4.36
N VAL A 84 -3.31 -2.28 -5.38
CA VAL A 84 -3.56 -3.59 -5.97
C VAL A 84 -2.26 -4.34 -6.23
N TYR A 85 -2.25 -5.62 -5.88
CA TYR A 85 -1.07 -6.45 -6.08
C TYR A 85 -1.01 -6.99 -7.51
N ARG A 86 -0.63 -6.12 -8.44
CA ARG A 86 -0.69 -6.45 -9.86
C ARG A 86 0.56 -5.97 -10.59
N ARG A 87 0.62 -6.24 -11.89
CA ARG A 87 1.68 -5.69 -12.74
C ARG A 87 1.09 -4.88 -13.88
N PRO A 88 1.89 -3.97 -14.43
CA PRO A 88 1.48 -3.18 -15.58
C PRO A 88 1.39 -4.02 -16.84
N TRP A 89 2.06 -5.17 -16.82
CA TRP A 89 1.99 -6.12 -17.93
C TRP A 89 1.13 -7.32 -17.56
N ALA A 90 0.63 -7.34 -16.33
CA ALA A 90 -0.29 -8.38 -15.89
C ALA A 90 -1.21 -7.85 -14.79
N PRO A 91 -2.18 -7.03 -15.18
CA PRO A 91 -3.09 -6.41 -14.23
C PRO A 91 -4.19 -7.38 -13.80
N ASN A 92 -3.77 -8.47 -13.16
CA ASN A 92 -4.72 -9.51 -12.75
C ASN A 92 -4.38 -10.03 -11.35
N ALA A 93 -4.52 -9.17 -10.35
CA ALA A 93 -4.23 -9.53 -8.98
C ALA A 93 -5.09 -10.71 -8.51
N ASN A 94 -4.45 -11.68 -7.87
CA ASN A 94 -5.15 -12.88 -7.41
C ASN A 94 -5.91 -12.62 -6.12
N ASP A 95 -6.97 -11.82 -6.22
CA ASP A 95 -7.75 -11.46 -5.04
C ASP A 95 -6.89 -10.79 -3.98
N ARG A 96 -6.00 -9.90 -4.42
CA ARG A 96 -5.12 -9.18 -3.51
C ARG A 96 -5.20 -7.67 -3.74
N THR A 97 -6.17 -7.03 -3.11
CA THR A 97 -6.33 -5.59 -3.22
C THR A 97 -6.42 -4.95 -1.83
N PHE A 98 -6.35 -3.63 -1.79
CA PHE A 98 -6.40 -2.89 -0.53
C PHE A 98 -7.05 -1.52 -0.72
N THR A 99 -8.19 -1.32 -0.07
CA THR A 99 -8.90 -0.04 -0.13
C THR A 99 -8.97 0.61 1.24
N LEU A 100 -8.59 1.89 1.29
CA LEU A 100 -8.59 2.63 2.55
C LEU A 100 -9.24 3.99 2.38
N LYS A 101 -10.28 4.26 3.17
CA LYS A 101 -10.93 5.56 3.18
C LYS A 101 -10.16 6.55 4.03
N VAL A 102 -9.94 7.75 3.49
CA VAL A 102 -9.04 8.72 4.10
C VAL A 102 -9.79 9.95 4.57
N ASN A 103 -9.50 10.39 5.79
CA ASN A 103 -10.04 11.65 6.31
C ASN A 103 -8.93 12.58 6.76
N VAL A 104 -8.56 13.53 5.91
CA VAL A 104 -7.42 14.39 6.16
C VAL A 104 -7.83 15.66 6.91
N GLN A 105 -7.15 15.93 8.02
CA GLN A 105 -7.45 17.10 8.83
C GLN A 105 -6.54 18.27 8.45
N GLY A 1 6.37 14.15 8.31
CA GLY A 1 5.29 13.98 9.28
C GLY A 1 5.30 12.58 9.88
N PRO A 2 4.43 12.35 10.86
CA PRO A 2 4.34 11.05 11.50
C PRO A 2 3.97 9.96 10.49
N HIS A 3 4.39 8.73 10.78
CA HIS A 3 4.10 7.60 9.91
C HIS A 3 3.18 6.59 10.59
N MET A 4 1.91 6.60 10.21
CA MET A 4 0.94 5.67 10.77
C MET A 4 1.23 4.23 10.34
N SER A 5 1.32 3.33 11.31
CA SER A 5 1.61 1.93 11.03
C SER A 5 0.34 1.16 10.69
N LEU A 6 0.13 0.92 9.41
CA LEU A 6 -1.05 0.19 8.95
C LEU A 6 -0.67 -1.13 8.30
N THR A 7 -1.63 -2.03 8.19
CA THR A 7 -1.39 -3.35 7.61
C THR A 7 -2.65 -3.90 6.96
N GLU A 8 -2.63 -5.19 6.64
CA GLU A 8 -3.67 -5.79 5.81
C GLU A 8 -5.02 -5.76 6.51
N ASP A 9 -4.99 -5.74 7.84
CA ASP A 9 -6.22 -5.74 8.63
C ASP A 9 -6.95 -4.40 8.52
N ASN A 10 -6.30 -3.43 7.89
CA ASN A 10 -6.89 -2.11 7.69
C ASN A 10 -7.58 -2.01 6.35
N ASN A 11 -7.73 -3.15 5.68
CA ASN A 11 -8.41 -3.20 4.38
C ASN A 11 -9.87 -2.80 4.51
N ASN A 12 -10.25 -1.75 3.79
CA ASN A 12 -11.62 -1.24 3.85
C ASN A 12 -11.91 -0.62 5.20
N THR A 13 -10.92 0.06 5.77
CA THR A 13 -11.11 0.86 6.98
C THR A 13 -10.78 2.32 6.74
N THR A 14 -11.09 3.17 7.71
CA THR A 14 -10.83 4.60 7.60
C THR A 14 -9.91 5.08 8.72
N ILE A 15 -8.82 5.73 8.34
CA ILE A 15 -7.89 6.28 9.31
C ILE A 15 -7.85 7.81 9.23
N THR A 16 -7.99 8.46 10.38
CA THR A 16 -8.00 9.92 10.43
C THR A 16 -6.61 10.46 10.79
N ILE A 17 -6.12 11.38 9.96
CA ILE A 17 -4.79 11.95 10.17
C ILE A 17 -4.82 13.47 9.98
N ALA A 18 -3.73 14.12 10.39
CA ALA A 18 -3.57 15.55 10.16
C ALA A 18 -2.89 15.83 8.83
N LYS A 19 -3.15 17.00 8.27
CA LYS A 19 -2.50 17.42 7.02
C LYS A 19 -0.98 17.40 7.17
N GLY A 20 -0.32 16.67 6.27
CA GLY A 20 1.13 16.55 6.31
C GLY A 20 1.55 15.22 6.92
N GLU A 21 0.60 14.54 7.57
CA GLU A 21 0.89 13.27 8.22
C GLU A 21 0.90 12.13 7.21
N ASN A 22 1.81 11.18 7.40
CA ASN A 22 1.96 10.06 6.49
C ASN A 22 1.32 8.80 7.06
N LYS A 23 0.92 7.88 6.18
CA LYS A 23 0.44 6.57 6.59
C LYS A 23 1.18 5.46 5.87
N GLU A 24 1.93 4.67 6.63
CA GLU A 24 2.72 3.58 6.05
C GLU A 24 1.91 2.29 5.98
N ILE A 25 1.58 1.88 4.76
CA ILE A 25 0.78 0.68 4.54
C ILE A 25 1.66 -0.53 4.28
N ILE A 26 1.67 -1.46 5.21
CA ILE A 26 2.52 -2.64 5.11
C ILE A 26 1.73 -3.87 4.71
N LEU A 27 1.89 -4.31 3.47
CA LEU A 27 1.15 -5.45 2.95
C LEU A 27 2.07 -6.56 2.51
N HIS A 28 1.68 -7.80 2.78
CA HIS A 28 2.49 -8.96 2.43
C HIS A 28 2.27 -9.36 0.97
N GLY A 29 3.35 -9.76 0.31
CA GLY A 29 3.28 -10.17 -1.09
C GLY A 29 3.13 -11.68 -1.22
N ASN A 30 3.49 -12.20 -2.39
CA ASN A 30 3.44 -13.64 -2.63
C ASN A 30 4.50 -14.07 -3.62
N PRO A 31 5.52 -14.78 -3.13
CA PRO A 31 6.69 -15.12 -3.95
C PRO A 31 6.37 -16.23 -4.91
N THR A 32 5.16 -16.78 -4.81
CA THR A 32 4.70 -17.79 -5.76
C THR A 32 4.61 -17.22 -7.18
N THR A 33 4.14 -15.98 -7.28
CA THR A 33 3.93 -15.36 -8.57
C THR A 33 4.73 -14.07 -8.69
N GLY A 34 4.82 -13.32 -7.59
CA GLY A 34 5.61 -12.09 -7.56
C GLY A 34 4.95 -11.00 -8.39
N TYR A 35 4.08 -10.21 -7.75
CA TYR A 35 3.60 -8.97 -8.34
C TYR A 35 4.17 -7.75 -7.61
N SER A 36 3.30 -6.77 -7.36
CA SER A 36 3.70 -5.58 -6.62
C SER A 36 2.48 -4.75 -6.22
N TRP A 37 2.47 -4.28 -4.98
CA TRP A 37 1.39 -3.44 -4.48
C TRP A 37 1.52 -2.01 -5.01
N VAL A 38 0.72 -1.68 -6.01
CA VAL A 38 0.82 -0.38 -6.67
C VAL A 38 -0.44 0.44 -6.44
N VAL A 39 -0.32 1.75 -6.61
CA VAL A 39 -1.43 2.67 -6.37
C VAL A 39 -2.26 2.88 -7.62
N ASP A 40 -3.54 2.53 -7.56
CA ASP A 40 -4.44 2.72 -8.68
C ASP A 40 -5.55 3.71 -8.34
N SER A 41 -5.36 4.45 -7.25
CA SER A 41 -6.30 5.49 -6.86
C SER A 41 -5.70 6.39 -5.79
N SER A 42 -5.81 7.71 -5.98
CA SER A 42 -5.35 8.67 -4.98
C SER A 42 -6.01 10.03 -5.20
N GLU A 43 -6.68 10.52 -4.17
CA GLU A 43 -7.40 11.79 -4.25
C GLU A 43 -6.44 12.96 -4.10
N GLY A 44 -5.49 13.07 -5.02
CA GLY A 44 -4.51 14.16 -5.00
C GLY A 44 -3.49 13.95 -3.89
N LEU A 45 -3.30 12.70 -3.49
CA LEU A 45 -2.40 12.37 -2.39
C LEU A 45 -1.10 11.76 -2.89
N SER A 46 0.01 12.22 -2.35
CA SER A 46 1.32 11.71 -2.72
C SER A 46 1.54 10.30 -2.17
N ASN A 47 2.24 9.47 -2.94
CA ASN A 47 2.42 8.06 -2.58
C ASN A 47 3.80 7.56 -3.00
N THR A 48 4.30 6.57 -2.28
CA THR A 48 5.53 5.90 -2.66
C THR A 48 5.54 4.45 -2.19
N VAL A 49 6.18 3.58 -2.96
CA VAL A 49 6.18 2.15 -2.66
C VAL A 49 7.61 1.63 -2.49
N GLU A 50 7.87 1.00 -1.36
CA GLU A 50 9.17 0.39 -1.10
C GLU A 50 9.02 -1.07 -0.70
N TYR A 51 9.61 -1.96 -1.49
CA TYR A 51 9.55 -3.39 -1.20
C TYR A 51 10.69 -3.82 -0.30
N VAL A 52 10.35 -4.45 0.82
CA VAL A 52 11.34 -5.01 1.72
C VAL A 52 11.25 -6.52 1.79
N ALA A 53 12.19 -7.20 1.14
CA ALA A 53 12.21 -8.65 1.11
C ALA A 53 12.68 -9.22 2.44
N ASP A 54 12.23 -10.44 2.76
CA ASP A 54 12.54 -11.06 4.03
C ASP A 54 13.97 -11.60 4.04
N GLN A 55 14.92 -10.72 4.37
CA GLN A 55 16.31 -11.14 4.53
C GLN A 55 16.81 -11.87 3.29
N HIS A 56 16.61 -11.24 2.13
CA HIS A 56 17.06 -11.83 0.86
C HIS A 56 16.94 -10.82 -0.28
N ALA A 57 17.81 -10.97 -1.27
CA ALA A 57 17.81 -10.08 -2.43
C ALA A 57 16.40 -9.90 -2.99
N PRO A 58 15.88 -8.69 -2.89
CA PRO A 58 14.56 -8.37 -3.42
C PRO A 58 14.48 -8.67 -4.91
N GLY A 59 13.35 -9.22 -5.35
CA GLY A 59 13.11 -9.48 -6.75
C GLY A 59 13.28 -10.96 -7.10
N ILE A 60 13.85 -11.71 -6.16
CA ILE A 60 14.07 -13.14 -6.35
C ILE A 60 12.84 -13.94 -5.99
N SER A 61 12.24 -14.59 -7.00
CA SER A 61 11.07 -15.43 -6.78
C SER A 61 11.40 -16.60 -5.87
N GLY A 62 10.44 -16.94 -5.00
CA GLY A 62 10.66 -17.99 -4.00
C GLY A 62 10.91 -17.38 -2.62
N SER A 63 11.36 -16.13 -2.61
CA SER A 63 11.59 -15.41 -1.35
C SER A 63 10.50 -14.38 -1.11
N GLY A 64 9.84 -14.50 0.04
CA GLY A 64 8.70 -13.63 0.36
C GLY A 64 9.17 -12.30 0.91
N GLY A 65 8.21 -11.46 1.31
CA GLY A 65 8.52 -10.13 1.81
C GLY A 65 7.27 -9.27 1.91
N LYS A 66 7.45 -8.01 2.29
CA LYS A 66 6.32 -7.10 2.45
C LYS A 66 6.56 -5.79 1.70
N TYR A 67 5.48 -5.18 1.22
CA TYR A 67 5.57 -3.91 0.52
C TYR A 67 5.12 -2.76 1.42
N HIS A 68 5.86 -1.65 1.35
CA HIS A 68 5.59 -0.50 2.19
C HIS A 68 5.10 0.69 1.37
N ILE A 69 3.80 0.99 1.45
CA ILE A 69 3.21 2.06 0.67
C ILE A 69 2.79 3.22 1.55
N LYS A 70 3.48 4.35 1.40
CA LYS A 70 3.25 5.51 2.25
C LYS A 70 2.36 6.53 1.56
N ILE A 71 1.30 6.95 2.24
CA ILE A 71 0.40 7.96 1.70
C ILE A 71 0.49 9.26 2.50
N THR A 72 0.61 10.37 1.79
CA THR A 72 0.74 11.68 2.42
C THR A 72 -0.56 12.46 2.36
N GLY A 73 -1.01 12.95 3.51
CA GLY A 73 -2.17 13.83 3.57
C GLY A 73 -1.84 15.21 3.02
N THR A 74 -1.84 15.33 1.69
CA THR A 74 -1.40 16.55 1.03
C THR A 74 -2.43 17.66 1.17
N GLN A 75 -3.70 17.27 1.33
CA GLN A 75 -4.79 18.24 1.40
C GLN A 75 -5.91 17.74 2.30
N THR A 76 -6.61 18.67 2.92
CA THR A 76 -7.73 18.32 3.81
C THR A 76 -8.88 17.72 3.03
N GLY A 77 -9.44 16.62 3.57
CA GLY A 77 -10.57 15.95 2.93
C GLY A 77 -10.40 14.44 2.98
N GLU A 78 -11.39 13.73 2.45
CA GLU A 78 -11.36 12.27 2.42
C GLU A 78 -10.87 11.76 1.07
N GLY A 79 -9.77 11.03 1.08
CA GLY A 79 -9.23 10.41 -0.13
C GLY A 79 -9.47 8.91 -0.13
N LYS A 80 -9.48 8.33 -1.33
CA LYS A 80 -9.67 6.88 -1.48
C LYS A 80 -8.44 6.24 -2.10
N ILE A 81 -7.66 5.54 -1.29
CA ILE A 81 -6.48 4.84 -1.77
C ILE A 81 -6.80 3.39 -2.11
N VAL A 82 -6.53 3.00 -3.35
CA VAL A 82 -6.73 1.63 -3.78
C VAL A 82 -5.42 1.00 -4.22
N LEU A 83 -4.98 -0.02 -3.48
CA LEU A 83 -3.75 -0.74 -3.80
C LEU A 83 -4.06 -2.09 -4.44
N VAL A 84 -3.33 -2.43 -5.49
CA VAL A 84 -3.51 -3.71 -6.17
C VAL A 84 -2.17 -4.43 -6.34
N TYR A 85 -2.16 -5.71 -5.99
CA TYR A 85 -0.94 -6.51 -6.06
C TYR A 85 -0.69 -6.99 -7.49
N ARG A 86 -0.25 -6.08 -8.35
CA ARG A 86 -0.12 -6.36 -9.77
C ARG A 86 1.17 -5.77 -10.34
N ARG A 87 1.65 -6.35 -11.43
CA ARG A 87 2.78 -5.78 -12.17
C ARG A 87 2.33 -4.66 -13.10
N PRO A 88 3.12 -3.60 -13.16
CA PRO A 88 2.81 -2.47 -14.03
C PRO A 88 2.57 -2.92 -15.46
N TRP A 89 3.29 -3.96 -15.88
CA TRP A 89 3.27 -4.39 -17.27
C TRP A 89 2.45 -5.65 -17.44
N ALA A 90 1.89 -6.15 -16.33
CA ALA A 90 1.14 -7.40 -16.34
C ALA A 90 0.07 -7.42 -15.26
N PRO A 91 -1.01 -6.68 -15.50
CA PRO A 91 -2.12 -6.63 -14.57
C PRO A 91 -2.91 -7.94 -14.57
N ASN A 92 -3.57 -8.24 -13.46
CA ASN A 92 -4.33 -9.47 -13.32
C ASN A 92 -5.54 -9.28 -12.41
N ALA A 93 -6.72 -9.62 -12.92
CA ALA A 93 -7.97 -9.33 -12.23
C ALA A 93 -8.08 -10.11 -10.93
N ASN A 94 -7.28 -11.17 -10.81
CA ASN A 94 -7.34 -12.06 -9.65
C ASN A 94 -6.32 -11.65 -8.60
N ASP A 95 -5.71 -10.48 -8.79
CA ASP A 95 -4.75 -9.95 -7.83
C ASP A 95 -5.46 -9.42 -6.59
N ARG A 96 -4.71 -9.29 -5.50
CA ARG A 96 -5.26 -8.82 -4.24
C ARG A 96 -5.52 -7.31 -4.27
N THR A 97 -6.58 -6.89 -3.58
CA THR A 97 -6.94 -5.48 -3.54
C THR A 97 -7.02 -4.97 -2.10
N PHE A 98 -6.47 -3.79 -1.86
CA PHE A 98 -6.46 -3.20 -0.53
C PHE A 98 -6.98 -1.76 -0.55
N THR A 99 -8.09 -1.54 0.14
CA THR A 99 -8.72 -0.22 0.17
C THR A 99 -8.45 0.50 1.49
N LEU A 100 -8.12 1.78 1.40
CA LEU A 100 -7.93 2.60 2.59
C LEU A 100 -8.45 4.02 2.38
N LYS A 101 -9.27 4.48 3.32
CA LYS A 101 -9.74 5.86 3.29
C LYS A 101 -8.78 6.79 4.05
N VAL A 102 -8.48 7.93 3.45
CA VAL A 102 -7.56 8.89 4.04
C VAL A 102 -8.27 10.16 4.47
N ASN A 103 -8.59 10.25 5.76
CA ASN A 103 -9.32 11.39 6.29
C ASN A 103 -8.36 12.45 6.84
N VAL A 104 -8.02 13.43 6.00
CA VAL A 104 -7.04 14.43 6.35
C VAL A 104 -7.70 15.63 7.03
N GLN A 105 -7.17 16.02 8.19
CA GLN A 105 -7.66 17.19 8.90
C GLN A 105 -6.78 18.41 8.62
N GLY A 1 9.92 8.63 10.74
CA GLY A 1 8.86 9.62 10.55
C GLY A 1 7.52 9.09 11.06
N PRO A 2 6.46 9.88 10.87
CA PRO A 2 5.13 9.48 11.29
C PRO A 2 4.71 8.17 10.64
N HIS A 3 4.00 7.34 11.39
CA HIS A 3 3.54 6.05 10.88
C HIS A 3 2.43 5.48 11.76
N MET A 4 1.83 4.39 11.30
CA MET A 4 0.76 3.73 12.05
C MET A 4 0.73 2.24 11.76
N SER A 5 0.48 1.44 12.78
CA SER A 5 0.35 0.00 12.62
C SER A 5 -0.78 -0.35 11.66
N LEU A 6 -0.51 -0.21 10.37
CA LEU A 6 -1.46 -0.58 9.34
C LEU A 6 -0.97 -1.77 8.53
N THR A 7 -1.89 -2.69 8.23
CA THR A 7 -1.55 -3.90 7.50
C THR A 7 -2.77 -4.48 6.78
N GLU A 8 -2.63 -5.71 6.30
CA GLU A 8 -3.63 -6.30 5.41
C GLU A 8 -4.98 -6.39 6.11
N ASP A 9 -4.96 -6.53 7.43
CA ASP A 9 -6.19 -6.66 8.21
C ASP A 9 -6.97 -5.36 8.23
N ASN A 10 -6.34 -4.29 7.74
CA ASN A 10 -7.00 -2.99 7.67
C ASN A 10 -7.60 -2.75 6.30
N ASN A 11 -7.77 -3.82 5.53
CA ASN A 11 -8.40 -3.73 4.22
C ASN A 11 -9.85 -3.26 4.33
N ASN A 12 -10.19 -2.22 3.57
CA ASN A 12 -11.53 -1.66 3.60
C ASN A 12 -11.80 -0.94 4.91
N THR A 13 -10.88 -0.05 5.28
CA THR A 13 -11.06 0.79 6.47
C THR A 13 -10.79 2.25 6.15
N THR A 14 -11.01 3.11 7.14
CA THR A 14 -10.78 4.54 6.98
C THR A 14 -9.86 5.08 8.08
N ILE A 15 -8.78 5.73 7.68
CA ILE A 15 -7.85 6.33 8.64
C ILE A 15 -7.89 7.85 8.56
N THR A 16 -8.12 8.50 9.71
CA THR A 16 -8.13 9.95 9.76
C THR A 16 -6.78 10.49 10.20
N ILE A 17 -6.24 11.40 9.38
CA ILE A 17 -4.92 11.97 9.66
C ILE A 17 -4.95 13.49 9.57
N ALA A 18 -3.91 14.14 10.07
CA ALA A 18 -3.74 15.58 9.92
C ALA A 18 -2.98 15.90 8.63
N LYS A 19 -3.23 17.09 8.09
CA LYS A 19 -2.53 17.54 6.90
C LYS A 19 -1.02 17.59 7.13
N GLY A 20 -0.27 16.86 6.30
CA GLY A 20 1.18 16.80 6.42
C GLY A 20 1.61 15.53 7.14
N GLU A 21 0.66 14.85 7.76
CA GLU A 21 0.95 13.64 8.52
C GLU A 21 1.17 12.45 7.60
N ASN A 22 2.15 11.62 7.93
CA ASN A 22 2.47 10.45 7.13
C ASN A 22 1.99 9.17 7.80
N LYS A 23 1.53 8.22 6.98
CA LYS A 23 1.18 6.89 7.48
C LYS A 23 1.82 5.81 6.62
N GLU A 24 2.07 4.65 7.21
CA GLU A 24 2.74 3.55 6.53
C GLU A 24 1.93 2.28 6.61
N ILE A 25 1.75 1.61 5.47
CA ILE A 25 1.00 0.37 5.41
C ILE A 25 1.90 -0.81 5.09
N ILE A 26 1.87 -1.82 5.94
CA ILE A 26 2.73 -3.00 5.77
C ILE A 26 1.95 -4.16 5.18
N LEU A 27 2.23 -4.48 3.92
CA LEU A 27 1.57 -5.58 3.25
C LEU A 27 2.56 -6.68 2.89
N HIS A 28 2.05 -7.89 2.67
CA HIS A 28 2.90 -9.06 2.51
C HIS A 28 2.58 -9.79 1.21
N GLY A 29 3.61 -10.42 0.63
CA GLY A 29 3.42 -11.28 -0.53
C GLY A 29 4.06 -12.65 -0.30
N ASN A 30 4.25 -13.40 -1.38
CA ASN A 30 4.90 -14.70 -1.31
C ASN A 30 5.53 -15.07 -2.65
N PRO A 31 6.35 -16.12 -2.64
CA PRO A 31 7.17 -16.46 -3.79
C PRO A 31 6.32 -16.66 -5.03
N THR A 32 5.10 -17.17 -4.83
CA THR A 32 4.27 -17.65 -5.94
C THR A 32 3.51 -16.50 -6.58
N THR A 33 3.48 -15.36 -5.91
CA THR A 33 2.81 -14.18 -6.43
C THR A 33 3.71 -13.41 -7.39
N GLY A 34 4.71 -12.74 -6.84
CA GLY A 34 5.69 -12.01 -7.63
C GLY A 34 5.10 -10.68 -8.14
N TYR A 35 4.04 -10.22 -7.48
CA TYR A 35 3.41 -8.97 -7.85
C TYR A 35 3.93 -7.81 -7.01
N SER A 36 3.38 -6.63 -7.23
CA SER A 36 3.75 -5.46 -6.44
C SER A 36 2.52 -4.59 -6.14
N TRP A 37 2.36 -4.21 -4.88
CA TRP A 37 1.29 -3.31 -4.48
C TRP A 37 1.52 -1.91 -5.01
N VAL A 38 0.59 -1.41 -5.81
CA VAL A 38 0.70 -0.09 -6.41
C VAL A 38 -0.56 0.72 -6.19
N VAL A 39 -0.42 2.05 -6.20
CA VAL A 39 -1.56 2.95 -6.01
C VAL A 39 -2.26 3.23 -7.33
N ASP A 40 -3.53 2.82 -7.42
CA ASP A 40 -4.33 3.07 -8.61
C ASP A 40 -5.49 4.02 -8.30
N SER A 41 -5.39 4.72 -7.17
CA SER A 41 -6.40 5.70 -6.79
C SER A 41 -5.88 6.61 -5.68
N SER A 42 -6.01 7.91 -5.89
CA SER A 42 -5.66 8.90 -4.87
C SER A 42 -6.32 10.25 -5.15
N GLU A 43 -7.04 10.76 -4.16
CA GLU A 43 -7.75 12.02 -4.30
C GLU A 43 -6.82 13.21 -4.13
N GLY A 44 -5.78 13.28 -4.97
CA GLY A 44 -4.82 14.37 -4.91
C GLY A 44 -3.91 14.24 -3.70
N LEU A 45 -3.70 13.00 -3.25
CA LEU A 45 -2.85 12.73 -2.10
C LEU A 45 -1.54 12.08 -2.51
N SER A 46 -0.44 12.60 -1.98
CA SER A 46 0.88 12.07 -2.29
C SER A 46 1.12 10.73 -1.58
N ASN A 47 1.89 9.87 -2.22
CA ASN A 47 2.16 8.54 -1.67
C ASN A 47 3.27 7.84 -2.45
N THR A 48 3.75 6.72 -1.91
CA THR A 48 4.77 5.93 -2.57
C THR A 48 4.76 4.49 -2.09
N VAL A 49 5.28 3.58 -2.90
CA VAL A 49 5.31 2.17 -2.56
C VAL A 49 6.73 1.61 -2.62
N GLU A 50 6.96 0.52 -1.89
CA GLU A 50 8.29 -0.08 -1.82
C GLU A 50 8.19 -1.58 -1.54
N TYR A 51 9.04 -2.35 -2.21
CA TYR A 51 9.06 -3.80 -2.04
C TYR A 51 10.40 -4.27 -1.51
N VAL A 52 10.43 -4.66 -0.24
CA VAL A 52 11.61 -5.30 0.35
C VAL A 52 11.58 -6.80 0.16
N ALA A 53 12.20 -7.26 -0.93
CA ALA A 53 12.15 -8.69 -1.29
C ALA A 53 13.21 -9.48 -0.53
N ASP A 54 12.86 -10.70 -0.16
CA ASP A 54 13.79 -11.57 0.56
C ASP A 54 14.82 -12.19 -0.38
N GLN A 55 15.95 -11.51 -0.54
CA GLN A 55 17.06 -12.05 -1.31
C GLN A 55 16.62 -12.43 -2.72
N HIS A 56 15.98 -11.48 -3.40
CA HIS A 56 15.46 -11.73 -4.75
C HIS A 56 15.04 -10.43 -5.42
N ALA A 57 15.17 -10.39 -6.75
CA ALA A 57 14.81 -9.21 -7.52
C ALA A 57 13.35 -8.84 -7.31
N PRO A 58 13.12 -7.66 -6.74
CA PRO A 58 11.76 -7.17 -6.54
C PRO A 58 10.98 -7.13 -7.84
N GLY A 59 9.75 -7.65 -7.81
CA GLY A 59 8.89 -7.64 -8.98
C GLY A 59 8.97 -8.97 -9.73
N ILE A 60 9.86 -9.84 -9.29
CA ILE A 60 10.03 -11.15 -9.90
C ILE A 60 9.57 -12.25 -8.97
N SER A 61 8.78 -13.19 -9.49
CA SER A 61 8.35 -14.35 -8.72
C SER A 61 9.52 -15.27 -8.40
N GLY A 62 9.56 -15.78 -7.18
CA GLY A 62 10.66 -16.62 -6.72
C GLY A 62 10.86 -16.50 -5.21
N SER A 63 10.51 -15.33 -4.67
CA SER A 63 10.63 -15.10 -3.24
C SER A 63 9.68 -13.99 -2.79
N GLY A 64 9.18 -14.11 -1.56
CA GLY A 64 8.25 -13.12 -1.01
C GLY A 64 9.00 -11.99 -0.32
N GLY A 65 8.28 -11.23 0.49
CA GLY A 65 8.87 -10.10 1.21
C GLY A 65 7.79 -9.18 1.76
N LYS A 66 8.21 -8.00 2.20
CA LYS A 66 7.29 -7.03 2.79
C LYS A 66 7.18 -5.77 1.95
N TYR A 67 6.00 -5.17 1.94
CA TYR A 67 5.75 -3.96 1.16
C TYR A 67 5.50 -2.75 2.06
N HIS A 68 6.10 -1.63 1.72
CA HIS A 68 5.99 -0.42 2.53
C HIS A 68 5.33 0.71 1.74
N ILE A 69 4.05 0.95 2.02
CA ILE A 69 3.29 2.00 1.34
C ILE A 69 3.10 3.20 2.24
N LYS A 70 3.61 4.35 1.80
CA LYS A 70 3.54 5.58 2.59
C LYS A 70 2.56 6.56 1.97
N ILE A 71 1.75 7.19 2.83
CA ILE A 71 0.76 8.16 2.37
C ILE A 71 0.90 9.49 3.10
N THR A 72 0.91 10.58 2.35
CA THR A 72 1.04 11.91 2.94
C THR A 72 -0.26 12.70 2.79
N GLY A 73 -0.71 13.29 3.89
CA GLY A 73 -1.89 14.16 3.86
C GLY A 73 -1.60 15.45 3.11
N THR A 74 -1.63 15.37 1.78
CA THR A 74 -1.24 16.49 0.93
C THR A 74 -2.22 17.65 1.07
N GLN A 75 -3.51 17.34 1.06
CA GLN A 75 -4.55 18.35 1.09
C GLN A 75 -5.75 17.90 1.93
N THR A 76 -6.46 18.86 2.50
CA THR A 76 -7.61 18.55 3.34
C THR A 76 -8.72 17.87 2.54
N GLY A 77 -9.26 16.79 3.10
CA GLY A 77 -10.31 16.03 2.42
C GLY A 77 -10.07 14.54 2.55
N GLU A 78 -11.11 13.76 2.33
CA GLU A 78 -11.03 12.31 2.43
C GLU A 78 -10.89 11.66 1.06
N GLY A 79 -9.77 10.97 0.83
CA GLY A 79 -9.51 10.31 -0.44
C GLY A 79 -9.53 8.80 -0.29
N LYS A 80 -9.94 8.12 -1.35
CA LYS A 80 -9.96 6.66 -1.35
C LYS A 80 -8.69 6.10 -1.99
N ILE A 81 -7.78 5.61 -1.15
CA ILE A 81 -6.53 5.03 -1.63
C ILE A 81 -6.69 3.54 -1.92
N VAL A 82 -6.50 3.17 -3.18
CA VAL A 82 -6.66 1.78 -3.61
C VAL A 82 -5.33 1.18 -4.01
N LEU A 83 -4.87 0.19 -3.23
CA LEU A 83 -3.66 -0.57 -3.58
C LEU A 83 -4.02 -1.85 -4.32
N VAL A 84 -3.28 -2.14 -5.39
CA VAL A 84 -3.53 -3.33 -6.19
C VAL A 84 -2.28 -4.18 -6.31
N TYR A 85 -2.43 -5.48 -6.05
CA TYR A 85 -1.30 -6.40 -6.08
C TYR A 85 -1.15 -7.04 -7.45
N ARG A 86 -0.45 -6.35 -8.35
CA ARG A 86 -0.43 -6.73 -9.76
C ARG A 86 0.94 -6.51 -10.36
N ARG A 87 1.11 -6.95 -11.60
CA ARG A 87 2.34 -6.70 -12.34
C ARG A 87 2.07 -6.46 -13.83
N PRO A 88 2.67 -5.41 -14.37
CA PRO A 88 2.40 -5.00 -15.74
C PRO A 88 2.93 -6.01 -16.75
N TRP A 89 3.82 -6.88 -16.27
CA TRP A 89 4.38 -7.93 -17.13
C TRP A 89 3.42 -9.11 -17.25
N ALA A 90 2.54 -9.25 -16.26
CA ALA A 90 1.64 -10.39 -16.20
C ALA A 90 0.44 -10.10 -15.30
N PRO A 91 -0.37 -9.12 -15.70
CA PRO A 91 -1.58 -8.78 -14.96
C PRO A 91 -2.68 -9.82 -15.19
N ASN A 92 -3.53 -10.00 -14.18
CA ASN A 92 -4.62 -10.97 -14.27
C ASN A 92 -5.71 -10.66 -13.26
N ALA A 93 -6.76 -11.48 -13.27
CA ALA A 93 -7.94 -11.21 -12.45
C ALA A 93 -7.79 -11.78 -11.05
N ASN A 94 -6.64 -12.40 -10.79
CA ASN A 94 -6.35 -12.96 -9.48
C ASN A 94 -5.52 -11.99 -8.64
N ASP A 95 -5.33 -10.78 -9.15
CA ASP A 95 -4.62 -9.74 -8.42
C ASP A 95 -5.41 -9.27 -7.21
N ARG A 96 -4.70 -8.92 -6.14
CA ARG A 96 -5.34 -8.57 -4.88
C ARG A 96 -5.66 -7.09 -4.81
N THR A 97 -6.62 -6.73 -3.96
CA THR A 97 -7.01 -5.34 -3.77
C THR A 97 -7.04 -4.97 -2.30
N PHE A 98 -6.47 -3.81 -1.97
CA PHE A 98 -6.46 -3.32 -0.60
C PHE A 98 -6.96 -1.88 -0.53
N THR A 99 -8.08 -1.68 0.15
CA THR A 99 -8.72 -0.38 0.21
C THR A 99 -8.49 0.29 1.56
N LEU A 100 -8.09 1.55 1.54
CA LEU A 100 -7.97 2.35 2.75
C LEU A 100 -8.19 3.83 2.47
N LYS A 101 -9.23 4.39 3.08
CA LYS A 101 -9.56 5.80 2.90
C LYS A 101 -8.76 6.68 3.84
N VAL A 102 -8.33 7.84 3.34
CA VAL A 102 -7.49 8.74 4.11
C VAL A 102 -8.16 10.09 4.30
N ASN A 103 -8.66 10.34 5.51
CA ASN A 103 -9.34 11.59 5.81
C ASN A 103 -8.39 12.63 6.37
N VAL A 104 -8.02 13.60 5.54
CA VAL A 104 -7.03 14.59 5.91
C VAL A 104 -7.69 15.83 6.52
N GLN A 105 -7.28 16.16 7.75
CA GLN A 105 -7.78 17.35 8.42
C GLN A 105 -6.74 18.47 8.43
N GLY A 1 5.82 16.24 12.51
CA GLY A 1 4.66 15.65 13.15
C GLY A 1 4.75 14.12 13.18
N PRO A 2 3.94 13.50 14.02
CA PRO A 2 3.92 12.05 14.13
C PRO A 2 3.24 11.41 12.93
N HIS A 3 3.55 10.14 12.68
CA HIS A 3 2.97 9.41 11.56
C HIS A 3 2.32 8.11 12.03
N MET A 4 1.56 7.48 11.14
CA MET A 4 0.83 6.27 11.49
C MET A 4 1.16 5.13 10.53
N SER A 5 0.73 3.93 10.88
CA SER A 5 0.97 2.76 10.04
C SER A 5 -0.16 1.75 10.19
N LEU A 6 -0.33 0.91 9.16
CA LEU A 6 -1.28 -0.19 9.22
C LEU A 6 -0.78 -1.39 8.42
N THR A 7 -1.56 -2.47 8.45
CA THR A 7 -1.18 -3.69 7.75
C THR A 7 -2.41 -4.38 7.15
N GLU A 8 -2.28 -5.66 6.86
CA GLU A 8 -3.28 -6.37 6.07
C GLU A 8 -4.63 -6.39 6.77
N ASP A 9 -4.60 -6.42 8.11
CA ASP A 9 -5.82 -6.52 8.89
C ASP A 9 -6.63 -5.25 8.84
N ASN A 10 -6.03 -4.19 8.30
CA ASN A 10 -6.69 -2.89 8.23
C ASN A 10 -7.25 -2.62 6.84
N ASN A 11 -7.39 -3.69 6.06
CA ASN A 11 -7.97 -3.57 4.72
C ASN A 11 -9.42 -3.11 4.79
N ASN A 12 -9.73 -2.07 4.02
CA ASN A 12 -11.09 -1.53 3.98
C ASN A 12 -11.44 -0.83 5.29
N THR A 13 -10.59 0.10 5.70
CA THR A 13 -10.85 0.90 6.89
C THR A 13 -10.67 2.39 6.59
N THR A 14 -11.08 3.22 7.55
CA THR A 14 -10.97 4.67 7.40
C THR A 14 -9.98 5.25 8.40
N ILE A 15 -9.02 6.02 7.91
CA ILE A 15 -7.98 6.58 8.75
C ILE A 15 -8.03 8.10 8.78
N THR A 16 -7.91 8.68 9.96
CA THR A 16 -7.89 10.13 10.12
C THR A 16 -6.50 10.64 10.46
N ILE A 17 -5.99 11.54 9.63
CA ILE A 17 -4.67 12.11 9.84
C ILE A 17 -4.69 13.62 9.66
N ALA A 18 -3.63 14.28 10.10
CA ALA A 18 -3.45 15.71 9.85
C ALA A 18 -2.63 15.95 8.59
N LYS A 19 -2.88 17.08 7.93
CA LYS A 19 -2.12 17.47 6.75
C LYS A 19 -0.62 17.49 7.05
N GLY A 20 0.15 16.76 6.25
CA GLY A 20 1.59 16.66 6.45
C GLY A 20 1.98 15.30 7.00
N GLU A 21 1.01 14.61 7.60
CA GLU A 21 1.22 13.27 8.12
C GLU A 21 0.99 12.21 7.04
N ASN A 22 1.64 11.06 7.19
CA ASN A 22 1.50 9.97 6.24
C ASN A 22 1.01 8.70 6.93
N LYS A 23 0.73 7.67 6.13
CA LYS A 23 0.24 6.41 6.65
C LYS A 23 0.89 5.22 5.94
N GLU A 24 1.70 4.46 6.68
CA GLU A 24 2.44 3.36 6.10
C GLU A 24 1.54 2.13 5.92
N ILE A 25 1.62 1.50 4.75
CA ILE A 25 0.83 0.31 4.46
C ILE A 25 1.72 -0.90 4.27
N ILE A 26 1.60 -1.87 5.19
CA ILE A 26 2.46 -3.03 5.18
C ILE A 26 1.71 -4.27 4.70
N LEU A 27 1.95 -4.65 3.45
CA LEU A 27 1.28 -5.82 2.87
C LEU A 27 2.29 -6.79 2.29
N HIS A 28 2.06 -8.09 2.53
CA HIS A 28 2.95 -9.13 2.02
C HIS A 28 2.76 -9.34 0.52
N GLY A 29 3.87 -9.47 -0.20
CA GLY A 29 3.82 -9.65 -1.65
C GLY A 29 4.74 -10.78 -2.09
N ASN A 30 4.96 -10.86 -3.39
CA ASN A 30 5.81 -11.91 -3.95
C ASN A 30 6.42 -11.47 -5.28
N PRO A 31 7.66 -11.01 -5.24
CA PRO A 31 8.30 -10.41 -6.40
C PRO A 31 8.72 -11.46 -7.41
N THR A 32 8.78 -12.71 -6.97
CA THR A 32 9.09 -13.83 -7.85
C THR A 32 7.99 -14.02 -8.88
N THR A 33 6.75 -13.89 -8.44
CA THR A 33 5.60 -13.96 -9.34
C THR A 33 5.50 -12.70 -10.20
N GLY A 34 6.03 -11.60 -9.67
CA GLY A 34 6.09 -10.35 -10.42
C GLY A 34 5.02 -9.37 -9.97
N TYR A 35 4.08 -9.87 -9.17
CA TYR A 35 2.99 -9.04 -8.66
C TYR A 35 3.46 -8.16 -7.51
N SER A 36 2.97 -6.93 -7.49
CA SER A 36 3.40 -5.96 -6.50
C SER A 36 2.24 -5.06 -6.06
N TRP A 37 2.36 -4.51 -4.86
CA TRP A 37 1.33 -3.59 -4.35
C TRP A 37 1.56 -2.18 -4.84
N VAL A 38 0.71 -1.74 -5.78
CA VAL A 38 0.85 -0.42 -6.37
C VAL A 38 -0.46 0.36 -6.28
N VAL A 39 -0.34 1.68 -6.17
CA VAL A 39 -1.52 2.54 -6.01
C VAL A 39 -1.97 3.10 -7.34
N ASP A 40 -3.24 2.88 -7.67
CA ASP A 40 -3.81 3.34 -8.93
C ASP A 40 -4.64 4.60 -8.73
N SER A 41 -4.97 4.90 -7.48
CA SER A 41 -5.70 6.12 -7.14
C SER A 41 -5.36 6.59 -5.74
N SER A 42 -5.11 7.89 -5.59
CA SER A 42 -4.88 8.49 -4.28
C SER A 42 -5.41 9.92 -4.24
N GLU A 43 -6.69 10.07 -3.94
CA GLU A 43 -7.38 11.35 -4.10
C GLU A 43 -6.85 12.39 -3.13
N GLY A 44 -5.74 13.01 -3.49
CA GLY A 44 -5.21 14.14 -2.73
C GLY A 44 -4.08 13.72 -1.80
N LEU A 45 -3.54 12.53 -2.06
CA LEU A 45 -2.45 12.00 -1.24
C LEU A 45 -1.31 11.50 -2.11
N SER A 46 -0.10 11.55 -1.57
CA SER A 46 1.09 11.14 -2.32
C SER A 46 1.40 9.67 -2.10
N ASN A 47 2.18 9.09 -3.00
CA ASN A 47 2.44 7.66 -3.01
C ASN A 47 3.93 7.36 -2.98
N THR A 48 4.41 6.88 -1.85
CA THR A 48 5.78 6.38 -1.74
C THR A 48 5.79 4.88 -1.48
N VAL A 49 6.46 4.14 -2.35
CA VAL A 49 6.49 2.68 -2.26
C VAL A 49 7.91 2.16 -2.13
N GLU A 50 8.12 1.26 -1.17
CA GLU A 50 9.41 0.62 -0.98
C GLU A 50 9.25 -0.83 -0.57
N TYR A 51 9.95 -1.73 -1.26
CA TYR A 51 9.89 -3.15 -0.96
C TYR A 51 10.95 -3.54 0.05
N VAL A 52 10.56 -4.31 1.06
CA VAL A 52 11.50 -4.83 2.04
C VAL A 52 11.45 -6.36 2.07
N ALA A 53 12.62 -6.98 1.93
CA ALA A 53 12.71 -8.44 1.83
C ALA A 53 12.58 -9.10 3.20
N ASP A 54 11.35 -9.10 3.74
CA ASP A 54 11.08 -9.77 4.99
C ASP A 54 11.02 -11.28 4.82
N GLN A 55 11.33 -12.01 5.89
CA GLN A 55 11.27 -13.47 5.86
C GLN A 55 9.82 -13.95 5.84
N HIS A 56 9.47 -14.71 4.81
CA HIS A 56 8.12 -15.24 4.67
C HIS A 56 7.93 -16.52 5.48
N ALA A 57 6.69 -16.96 5.58
CA ALA A 57 6.37 -18.20 6.28
C ALA A 57 6.35 -19.39 5.33
N PRO A 58 6.63 -20.57 5.85
CA PRO A 58 6.58 -21.79 5.06
C PRO A 58 5.24 -21.93 4.35
N GLY A 59 5.28 -22.28 3.07
CA GLY A 59 4.07 -22.37 2.26
C GLY A 59 4.10 -21.36 1.13
N ILE A 60 4.92 -20.32 1.29
CA ILE A 60 5.09 -19.31 0.24
C ILE A 60 6.16 -19.74 -0.76
N SER A 61 5.73 -19.95 -2.00
CA SER A 61 6.64 -20.37 -3.07
C SER A 61 7.41 -19.18 -3.63
N GLY A 62 8.71 -19.36 -3.83
CA GLY A 62 9.57 -18.30 -4.35
C GLY A 62 9.93 -17.30 -3.26
N SER A 63 10.37 -16.12 -3.66
CA SER A 63 10.70 -15.06 -2.71
C SER A 63 9.45 -14.40 -2.15
N GLY A 64 9.47 -14.11 -0.86
CA GLY A 64 8.34 -13.45 -0.20
C GLY A 64 8.63 -11.97 0.02
N GLY A 65 8.54 -11.54 1.27
CA GLY A 65 8.80 -10.15 1.62
C GLY A 65 7.53 -9.33 1.62
N LYS A 66 7.64 -8.07 2.05
CA LYS A 66 6.48 -7.19 2.17
C LYS A 66 6.70 -5.88 1.46
N TYR A 67 5.64 -5.32 0.89
CA TYR A 67 5.69 -4.01 0.27
C TYR A 67 5.21 -2.92 1.23
N HIS A 68 6.00 -1.86 1.36
CA HIS A 68 5.67 -0.77 2.28
C HIS A 68 5.25 0.49 1.53
N ILE A 69 3.96 0.79 1.56
CA ILE A 69 3.42 1.92 0.83
C ILE A 69 3.01 3.04 1.78
N LYS A 70 3.74 4.16 1.73
CA LYS A 70 3.48 5.29 2.62
C LYS A 70 2.68 6.37 1.89
N ILE A 71 1.46 6.60 2.36
CA ILE A 71 0.58 7.57 1.73
C ILE A 71 0.53 8.87 2.53
N THR A 72 0.86 9.98 1.88
CA THR A 72 0.99 11.26 2.57
C THR A 72 -0.18 12.18 2.24
N GLY A 73 -0.85 12.68 3.26
CA GLY A 73 -1.99 13.57 3.08
C GLY A 73 -1.54 14.97 2.68
N THR A 74 -1.92 15.40 1.49
CA THR A 74 -1.56 16.73 1.00
C THR A 74 -2.78 17.63 0.87
N GLN A 75 -3.88 17.04 0.39
CA GLN A 75 -5.16 17.75 0.33
C GLN A 75 -6.07 17.33 1.47
N THR A 76 -6.93 18.24 1.92
CA THR A 76 -7.80 17.99 3.05
C THR A 76 -9.06 17.24 2.63
N GLY A 77 -9.73 16.63 3.59
CA GLY A 77 -10.96 15.88 3.31
C GLY A 77 -10.67 14.39 3.14
N GLU A 78 -11.73 13.62 2.96
CA GLU A 78 -11.60 12.18 2.80
C GLU A 78 -11.29 11.80 1.34
N GLY A 79 -10.17 11.11 1.15
CA GLY A 79 -9.76 10.71 -0.19
C GLY A 79 -9.73 9.19 -0.33
N LYS A 80 -10.20 8.70 -1.46
CA LYS A 80 -10.20 7.26 -1.74
C LYS A 80 -8.84 6.80 -2.25
N ILE A 81 -8.34 5.72 -1.68
CA ILE A 81 -7.06 5.14 -2.10
C ILE A 81 -7.24 3.74 -2.64
N VAL A 82 -6.79 3.52 -3.88
CA VAL A 82 -6.85 2.20 -4.50
C VAL A 82 -5.48 1.55 -4.56
N LEU A 83 -5.27 0.54 -3.72
CA LEU A 83 -3.99 -0.18 -3.68
C LEU A 83 -4.18 -1.64 -4.04
N VAL A 84 -3.61 -2.04 -5.18
CA VAL A 84 -3.90 -3.35 -5.75
C VAL A 84 -2.63 -4.17 -5.93
N TYR A 85 -2.78 -5.49 -5.87
CA TYR A 85 -1.64 -6.39 -6.00
C TYR A 85 -1.51 -6.91 -7.42
N ARG A 86 -0.82 -6.16 -8.27
CA ARG A 86 -0.74 -6.48 -9.69
C ARG A 86 0.65 -6.21 -10.24
N ARG A 87 0.94 -6.75 -11.41
CA ARG A 87 2.21 -6.51 -12.08
C ARG A 87 2.27 -5.12 -12.68
N PRO A 88 3.45 -4.53 -12.70
CA PRO A 88 3.64 -3.20 -13.27
C PRO A 88 3.12 -3.13 -14.69
N TRP A 89 3.17 -4.25 -15.39
CA TRP A 89 2.84 -4.29 -16.81
C TRP A 89 1.54 -5.05 -17.07
N ALA A 90 0.70 -5.12 -16.05
CA ALA A 90 -0.60 -5.78 -16.18
C ALA A 90 -1.60 -5.23 -15.18
N PRO A 91 -2.82 -4.98 -15.63
CA PRO A 91 -3.88 -4.48 -14.78
C PRO A 91 -4.46 -5.59 -13.91
N ASN A 92 -4.15 -6.83 -14.25
CA ASN A 92 -4.76 -7.99 -13.61
C ASN A 92 -4.14 -8.26 -12.25
N ALA A 93 -4.74 -7.70 -11.20
CA ALA A 93 -4.32 -7.99 -9.83
C ALA A 93 -4.59 -9.46 -9.49
N ASN A 94 -3.70 -10.04 -8.69
CA ASN A 94 -3.76 -11.47 -8.39
C ASN A 94 -4.77 -11.75 -7.29
N ASP A 95 -6.03 -11.43 -7.53
CA ASP A 95 -7.09 -11.72 -6.58
C ASP A 95 -6.80 -11.09 -5.22
N ARG A 96 -6.09 -9.97 -5.24
CA ARG A 96 -5.72 -9.28 -4.00
C ARG A 96 -5.76 -7.76 -4.18
N THR A 97 -6.62 -7.11 -3.42
CA THR A 97 -6.70 -5.65 -3.43
C THR A 97 -6.72 -5.09 -2.01
N PHE A 98 -6.53 -3.77 -1.90
CA PHE A 98 -6.50 -3.12 -0.60
C PHE A 98 -7.23 -1.79 -0.64
N THR A 99 -8.31 -1.68 0.12
CA THR A 99 -9.11 -0.46 0.17
C THR A 99 -8.73 0.39 1.38
N LEU A 100 -8.50 1.69 1.12
CA LEU A 100 -8.19 2.62 2.19
C LEU A 100 -8.78 4.00 1.89
N LYS A 101 -9.45 4.57 2.88
CA LYS A 101 -9.92 5.95 2.80
C LYS A 101 -9.35 6.79 3.94
N VAL A 102 -8.73 7.92 3.58
CA VAL A 102 -8.02 8.74 4.55
C VAL A 102 -8.61 10.15 4.62
N ASN A 103 -8.99 10.57 5.83
CA ASN A 103 -9.52 11.91 6.02
C ASN A 103 -8.46 12.86 6.56
N VAL A 104 -7.99 13.77 5.72
CA VAL A 104 -6.90 14.66 6.07
C VAL A 104 -7.41 15.94 6.70
N GLN A 105 -6.87 16.29 7.87
CA GLN A 105 -7.30 17.48 8.59
C GLN A 105 -6.44 18.68 8.23
N GLY A 1 6.04 13.49 11.69
CA GLY A 1 4.85 12.82 11.20
C GLY A 1 4.77 11.39 11.72
N PRO A 2 4.09 11.21 12.86
CA PRO A 2 3.92 9.89 13.45
C PRO A 2 3.25 8.93 12.48
N HIS A 3 3.80 7.72 12.38
CA HIS A 3 3.26 6.70 11.48
C HIS A 3 2.23 5.83 12.18
N MET A 4 1.27 5.31 11.42
CA MET A 4 0.22 4.47 11.97
C MET A 4 0.39 3.03 11.53
N SER A 5 0.21 2.10 12.47
CA SER A 5 0.23 0.68 12.17
C SER A 5 -0.84 0.32 11.15
N LEU A 6 -0.56 0.60 9.88
CA LEU A 6 -1.50 0.29 8.80
C LEU A 6 -1.08 -0.96 8.04
N THR A 7 -2.05 -1.79 7.69
CA THR A 7 -1.78 -3.00 6.93
C THR A 7 -3.02 -3.45 6.16
N GLU A 8 -2.96 -4.66 5.61
CA GLU A 8 -3.97 -5.13 4.67
C GLU A 8 -5.35 -5.18 5.32
N ASP A 9 -5.36 -5.39 6.63
CA ASP A 9 -6.61 -5.53 7.37
C ASP A 9 -7.38 -4.21 7.40
N ASN A 10 -6.73 -3.14 6.95
CA ASN A 10 -7.37 -1.84 6.86
C ASN A 10 -8.14 -1.68 5.57
N ASN A 11 -8.20 -2.77 4.79
CA ASN A 11 -9.02 -2.79 3.58
C ASN A 11 -10.46 -2.47 3.88
N ASN A 12 -11.01 -1.49 3.17
CA ASN A 12 -12.41 -1.08 3.36
C ASN A 12 -12.62 -0.49 4.75
N THR A 13 -11.62 0.24 5.24
CA THR A 13 -11.77 1.03 6.46
C THR A 13 -11.42 2.49 6.22
N THR A 14 -11.59 3.31 7.25
CA THR A 14 -11.23 4.73 7.17
C THR A 14 -10.41 5.16 8.38
N ILE A 15 -9.37 5.95 8.12
CA ILE A 15 -8.54 6.50 9.19
C ILE A 15 -8.51 8.01 9.14
N THR A 16 -8.05 8.63 10.22
CA THR A 16 -7.93 10.08 10.30
C THR A 16 -6.50 10.50 10.59
N ILE A 17 -5.98 11.40 9.77
CA ILE A 17 -4.61 11.89 9.93
C ILE A 17 -4.56 13.42 9.90
N ALA A 18 -3.43 13.97 10.32
CA ALA A 18 -3.15 15.39 10.11
C ALA A 18 -2.58 15.64 8.73
N LYS A 19 -2.87 16.82 8.18
CA LYS A 19 -2.38 17.19 6.86
C LYS A 19 -0.86 17.18 6.80
N GLY A 20 -0.30 16.36 5.91
CA GLY A 20 1.14 16.30 5.72
C GLY A 20 1.75 15.17 6.56
N GLU A 21 0.94 14.56 7.40
CA GLU A 21 1.41 13.51 8.30
C GLU A 21 1.75 12.25 7.53
N ASN A 22 2.94 11.72 7.77
CA ASN A 22 3.44 10.56 7.02
C ASN A 22 3.02 9.26 7.66
N LYS A 23 2.16 8.51 6.97
CA LYS A 23 1.76 7.18 7.42
C LYS A 23 2.39 6.09 6.56
N GLU A 24 2.40 4.87 7.07
CA GLU A 24 3.04 3.75 6.39
C GLU A 24 2.16 2.51 6.40
N ILE A 25 1.80 2.06 5.20
CA ILE A 25 1.00 0.85 5.06
C ILE A 25 1.86 -0.35 4.70
N ILE A 26 1.85 -1.37 5.56
CA ILE A 26 2.66 -2.56 5.37
C ILE A 26 1.84 -3.70 4.77
N LEU A 27 2.06 -3.96 3.49
CA LEU A 27 1.36 -5.05 2.81
C LEU A 27 2.33 -6.18 2.46
N HIS A 28 2.35 -7.21 3.30
CA HIS A 28 3.24 -8.35 3.09
C HIS A 28 2.85 -9.13 1.84
N GLY A 29 3.86 -9.60 1.11
CA GLY A 29 3.62 -10.38 -0.10
C GLY A 29 3.23 -11.82 0.24
N ASN A 30 3.34 -12.70 -0.75
CA ASN A 30 2.90 -14.08 -0.59
C ASN A 30 3.73 -15.02 -1.44
N PRO A 31 4.18 -16.12 -0.84
CA PRO A 31 5.10 -17.05 -1.50
C PRO A 31 4.37 -17.89 -2.54
N THR A 32 3.05 -17.98 -2.40
CA THR A 32 2.22 -18.73 -3.35
C THR A 32 1.52 -17.78 -4.32
N THR A 33 1.37 -16.52 -3.92
CA THR A 33 0.89 -15.49 -4.83
C THR A 33 1.86 -14.31 -4.88
N GLY A 34 2.98 -14.50 -5.55
CA GLY A 34 4.08 -13.54 -5.52
C GLY A 34 3.83 -12.39 -6.50
N TYR A 35 2.82 -11.59 -6.21
CA TYR A 35 2.56 -10.38 -6.98
C TYR A 35 3.20 -9.15 -6.32
N SER A 36 2.98 -7.99 -6.92
CA SER A 36 3.49 -6.74 -6.36
C SER A 36 2.37 -5.75 -6.12
N TRP A 37 2.41 -5.06 -4.99
CA TRP A 37 1.49 -3.98 -4.70
C TRP A 37 1.94 -2.68 -5.37
N VAL A 38 1.04 -2.07 -6.13
CA VAL A 38 1.34 -0.84 -6.84
C VAL A 38 0.28 0.23 -6.60
N VAL A 39 0.66 1.49 -6.81
CA VAL A 39 -0.28 2.59 -6.68
C VAL A 39 -1.00 2.86 -7.99
N ASP A 40 -2.32 2.70 -7.99
CA ASP A 40 -3.11 2.86 -9.21
C ASP A 40 -3.85 4.19 -9.22
N SER A 41 -4.30 4.62 -8.05
CA SER A 41 -5.04 5.88 -7.93
C SER A 41 -5.07 6.36 -6.48
N SER A 42 -5.16 7.67 -6.30
CA SER A 42 -5.36 8.25 -4.98
C SER A 42 -6.16 9.54 -5.05
N GLU A 43 -6.92 9.82 -4.00
CA GLU A 43 -7.75 11.01 -3.94
C GLU A 43 -7.31 11.95 -2.81
N GLY A 44 -6.59 12.99 -3.17
CA GLY A 44 -6.14 13.98 -2.19
C GLY A 44 -4.90 13.51 -1.45
N LEU A 45 -4.34 12.38 -1.89
CA LEU A 45 -3.25 11.74 -1.18
C LEU A 45 -2.06 11.49 -2.10
N SER A 46 -0.87 11.48 -1.53
CA SER A 46 0.35 11.21 -2.29
C SER A 46 1.24 10.20 -1.58
N ASN A 47 1.64 9.15 -2.30
CA ASN A 47 2.30 8.02 -1.68
C ASN A 47 3.33 7.40 -2.62
N THR A 48 4.00 6.35 -2.15
CA THR A 48 4.90 5.58 -3.02
C THR A 48 4.99 4.14 -2.55
N VAL A 49 5.92 3.38 -3.13
CA VAL A 49 6.10 1.98 -2.80
C VAL A 49 7.55 1.67 -2.48
N GLU A 50 7.78 1.03 -1.33
CA GLU A 50 9.10 0.54 -0.97
C GLU A 50 9.10 -0.96 -0.74
N TYR A 51 9.79 -1.69 -1.61
CA TYR A 51 9.83 -3.15 -1.53
C TYR A 51 10.97 -3.62 -0.65
N VAL A 52 10.66 -4.48 0.31
CA VAL A 52 11.68 -5.08 1.16
C VAL A 52 12.11 -6.44 0.63
N ALA A 53 13.26 -6.48 -0.02
CA ALA A 53 13.76 -7.72 -0.61
C ALA A 53 14.43 -8.60 0.44
N ASP A 54 13.61 -9.20 1.30
CA ASP A 54 14.11 -10.08 2.35
C ASP A 54 14.45 -11.46 1.80
N GLN A 55 15.60 -11.57 1.16
CA GLN A 55 15.99 -12.79 0.47
C GLN A 55 15.03 -13.12 -0.65
N HIS A 56 14.53 -12.10 -1.33
CA HIS A 56 13.64 -12.28 -2.46
C HIS A 56 14.07 -11.42 -3.64
N ALA A 57 13.80 -11.90 -4.85
CA ALA A 57 14.19 -11.19 -6.07
C ALA A 57 13.13 -10.19 -6.47
N PRO A 58 13.51 -8.91 -6.53
CA PRO A 58 12.58 -7.85 -6.90
C PRO A 58 12.24 -7.89 -8.39
N GLY A 59 10.96 -7.79 -8.70
CA GLY A 59 10.51 -7.78 -10.09
C GLY A 59 10.22 -9.18 -10.60
N ILE A 60 10.53 -10.18 -9.77
CA ILE A 60 10.33 -11.57 -10.15
C ILE A 60 9.05 -12.13 -9.53
N SER A 61 8.07 -12.44 -10.38
CA SER A 61 6.82 -13.01 -9.92
C SER A 61 7.03 -14.36 -9.26
N GLY A 62 6.37 -14.57 -8.13
CA GLY A 62 6.51 -15.81 -7.37
C GLY A 62 7.33 -15.60 -6.10
N SER A 63 8.04 -14.47 -6.04
CA SER A 63 8.82 -14.12 -4.86
C SER A 63 7.93 -13.49 -3.79
N GLY A 64 8.46 -13.41 -2.57
CA GLY A 64 7.73 -12.81 -1.46
C GLY A 64 8.22 -11.41 -1.16
N GLY A 65 8.43 -11.13 0.12
CA GLY A 65 8.93 -9.82 0.54
C GLY A 65 7.79 -8.95 1.09
N LYS A 66 8.12 -7.72 1.45
CA LYS A 66 7.13 -6.78 1.97
C LYS A 66 6.98 -5.57 1.05
N TYR A 67 5.77 -5.03 0.99
CA TYR A 67 5.51 -3.81 0.23
C TYR A 67 5.00 -2.69 1.13
N HIS A 68 5.87 -1.74 1.43
CA HIS A 68 5.53 -0.63 2.32
C HIS A 68 5.11 0.60 1.53
N ILE A 69 3.98 1.19 1.91
CA ILE A 69 3.47 2.38 1.24
C ILE A 69 3.49 3.60 2.15
N LYS A 70 4.47 4.46 1.95
CA LYS A 70 4.51 5.74 2.66
C LYS A 70 3.60 6.77 1.99
N ILE A 71 2.80 7.45 2.80
CA ILE A 71 1.72 8.29 2.28
C ILE A 71 1.51 9.53 3.14
N THR A 72 1.28 10.66 2.49
CA THR A 72 0.95 11.89 3.20
C THR A 72 -0.36 12.48 2.69
N GLY A 73 -1.01 13.27 3.54
CA GLY A 73 -2.25 13.94 3.16
C GLY A 73 -1.99 15.32 2.58
N THR A 74 -2.32 15.48 1.29
CA THR A 74 -2.04 16.72 0.58
C THR A 74 -3.28 17.60 0.49
N GLN A 75 -4.45 16.97 0.48
CA GLN A 75 -5.71 17.68 0.53
C GLN A 75 -6.56 17.24 1.70
N THR A 76 -7.39 18.15 2.22
CA THR A 76 -8.21 17.87 3.39
C THR A 76 -9.47 17.10 3.02
N GLY A 77 -10.08 16.47 4.01
CA GLY A 77 -11.28 15.67 3.77
C GLY A 77 -10.93 14.19 3.64
N GLU A 78 -11.96 13.36 3.47
CA GLU A 78 -11.77 11.91 3.37
C GLU A 78 -11.37 11.51 1.95
N GLY A 79 -10.11 11.12 1.79
CA GLY A 79 -9.59 10.74 0.48
C GLY A 79 -9.75 9.24 0.26
N LYS A 80 -8.98 8.70 -0.69
CA LYS A 80 -9.08 7.29 -1.05
C LYS A 80 -7.73 6.74 -1.50
N ILE A 81 -7.40 5.55 -1.03
CA ILE A 81 -6.20 4.85 -1.47
C ILE A 81 -6.55 3.63 -2.31
N VAL A 82 -6.05 3.61 -3.54
CA VAL A 82 -6.29 2.48 -4.44
C VAL A 82 -4.99 1.73 -4.74
N LEU A 83 -4.81 0.59 -4.08
CA LEU A 83 -3.68 -0.29 -4.37
C LEU A 83 -4.16 -1.61 -4.97
N VAL A 84 -3.39 -2.15 -5.90
CA VAL A 84 -3.73 -3.40 -6.54
C VAL A 84 -2.54 -4.37 -6.53
N TYR A 85 -2.83 -5.65 -6.27
CA TYR A 85 -1.78 -6.65 -6.17
C TYR A 85 -1.41 -7.21 -7.54
N ARG A 86 -0.82 -6.37 -8.38
CA ARG A 86 -0.57 -6.72 -9.76
C ARG A 86 0.66 -7.60 -9.90
N ARG A 87 0.56 -8.63 -10.75
CA ARG A 87 1.70 -9.49 -11.05
C ARG A 87 2.74 -8.74 -11.87
N PRO A 88 4.00 -8.85 -11.46
CA PRO A 88 5.09 -8.16 -12.14
C PRO A 88 5.09 -8.46 -13.64
N TRP A 89 4.85 -9.73 -13.98
CA TRP A 89 4.99 -10.17 -15.36
C TRP A 89 3.73 -9.91 -16.16
N ALA A 90 2.57 -10.12 -15.53
CA ALA A 90 1.29 -9.86 -16.17
C ALA A 90 0.15 -9.99 -15.18
N PRO A 91 -0.53 -8.88 -14.92
CA PRO A 91 -1.62 -8.86 -13.95
C PRO A 91 -2.86 -9.54 -14.50
N ASN A 92 -3.79 -9.88 -13.61
CA ASN A 92 -4.97 -10.64 -13.99
C ASN A 92 -6.16 -10.30 -13.10
N ALA A 93 -7.29 -10.95 -13.34
CA ALA A 93 -8.54 -10.59 -12.69
C ALA A 93 -8.59 -11.13 -11.26
N ASN A 94 -7.63 -11.98 -10.93
CA ASN A 94 -7.60 -12.61 -9.62
C ASN A 94 -6.66 -11.88 -8.67
N ASP A 95 -6.17 -10.72 -9.11
CA ASP A 95 -5.30 -9.89 -8.29
C ASP A 95 -6.05 -9.34 -7.08
N ARG A 96 -5.38 -9.34 -5.93
CA ARG A 96 -5.95 -8.79 -4.71
C ARG A 96 -5.97 -7.27 -4.75
N THR A 97 -6.91 -6.67 -4.02
CA THR A 97 -7.04 -5.22 -3.99
C THR A 97 -7.03 -4.70 -2.56
N PHE A 98 -6.68 -3.43 -2.41
CA PHE A 98 -6.66 -2.80 -1.09
C PHE A 98 -7.18 -1.37 -1.16
N THR A 99 -8.26 -1.10 -0.43
CA THR A 99 -8.84 0.24 -0.38
C THR A 99 -8.81 0.81 1.02
N LEU A 100 -8.26 2.01 1.16
CA LEU A 100 -8.22 2.70 2.44
C LEU A 100 -8.50 4.19 2.28
N LYS A 101 -9.53 4.66 2.98
CA LYS A 101 -9.88 6.08 2.95
C LYS A 101 -9.24 6.82 4.11
N VAL A 102 -8.81 8.05 3.85
CA VAL A 102 -8.04 8.82 4.83
C VAL A 102 -8.62 10.21 5.03
N ASN A 103 -9.14 10.45 6.22
CA ASN A 103 -9.67 11.76 6.57
C ASN A 103 -8.56 12.72 7.00
N VAL A 104 -8.23 13.66 6.13
CA VAL A 104 -7.11 14.57 6.37
C VAL A 104 -7.58 15.86 7.02
N GLN A 105 -7.01 16.19 8.17
CA GLN A 105 -7.34 17.42 8.88
C GLN A 105 -6.17 18.38 8.90
#